data_4PXS
#
_entry.id   4PXS
#
_cell.length_a   148.630
_cell.length_b   148.630
_cell.length_c   133.622
_cell.angle_alpha   90.00
_cell.angle_beta   90.00
_cell.angle_gamma   120.00
#
_symmetry.space_group_name_H-M   'P 65'
#
loop_
_entity.id
_entity.type
_entity.pdbx_description
1 polymer 'Glucokinase regulatory protein'
2 non-polymer N-[(R)-(2-chlorophenyl){7-[4-(2-hydroxypropan-2-yl)pyridin-2-yl]-1-benzothiophen-2-yl}methyl]cyclopropanesulfonamide
3 non-polymer D-SORBITOL-6-PHOSPHATE
4 non-polymer 'IODIDE ION'
5 non-polymer GLYCEROL
6 non-polymer 'SULFATE ION'
7 water water
#
_entity_poly.entity_id   1
_entity_poly.type   'polypeptide(L)'
_entity_poly.pdbx_seq_one_letter_code
;MAHHHHHHDEVDMPGTKRFQHVIETPEPGKWELSGYEAAVPITEKSNPLTQDLDKADAENIVRLLGQCDAEIFQEEGQAL
STYQRLYSESILTTMVQVAGKVQEVLKEPDGGLVVLSGGGTSGRMAFLMSVSFNQLMKGLGQKPLYTYLIAGGDRSVVAS
REGTEDSALHGIEELKKVAAGKKRVIVIGISVGLSAPFVAGQMDCCMNNTAVFLPVLVGFNPVSMARNDPIEDWSSTFRQ
VAERMQKMQEKQKAFVLNPAIGPEGLSGSSRMKGGSATKILLETLLLAAHKTVDQGIAASQRCLLEILRTFERAHQVTYS
QSPKIATLMKSVSTSLEKKGHVYLVGWQTLGIIAIMDGVECIHTFGADFRDVRGFLIGDHSDMFNQKAELTNQGPQFTFS
QEDFLTSILPSLTEIDTVVFIFTLDDNLTEVQTIVEQVKEKTNHIQALAHSTVGQTLPIPLKKLFPSIISITWPLLFFEY
EGNFIQKFQRELSTKWVLNTVSTGAHVLLGKILQNHMLDLRISNSKLFWRALAMLQRFSGQSKARCIESLLRAIHFPQPL
SDDIRAAPISCHVQVAHEKEQVIPIALLSLLFRCSITEAQAHLAAAPSVCEAVRSALAGPGQKRTADPLEILEPDVQG
;
_entity_poly.pdbx_strand_id   A,B
#
loop_
_chem_comp.id
_chem_comp.type
_chem_comp.name
_chem_comp.formula
2Y6 non-polymer N-[(R)-(2-chlorophenyl){7-[4-(2-hydroxypropan-2-yl)pyridin-2-yl]-1-benzothiophen-2-yl}methyl]cyclopropanesulfonamide 'C26 H25 Cl N2 O3 S2'
GOL non-polymer GLYCEROL 'C3 H8 O3'
IOD non-polymer 'IODIDE ION' 'I -1'
S6P D-saccharide D-SORBITOL-6-PHOSPHATE 'C6 H15 O9 P'
SO4 non-polymer 'SULFATE ION' 'O4 S -2'
#
# COMPACT_ATOMS: atom_id res chain seq x y z
N MET A 13 -20.69 8.28 8.51
CA MET A 13 -20.60 9.71 8.89
C MET A 13 -19.19 10.21 8.69
N PRO A 14 -19.03 11.54 8.58
CA PRO A 14 -17.71 12.21 8.59
C PRO A 14 -16.76 11.76 9.75
N GLY A 15 -15.54 11.42 9.39
CA GLY A 15 -14.55 10.89 10.34
C GLY A 15 -14.67 9.42 10.68
N THR A 16 -15.32 8.63 9.84
CA THR A 16 -15.30 7.19 10.08
C THR A 16 -14.02 6.59 9.49
N LYS A 17 -13.70 6.94 8.25
CA LYS A 17 -12.45 6.48 7.63
C LYS A 17 -11.30 6.90 8.53
N ARG A 18 -11.13 8.20 8.70
CA ARG A 18 -10.02 8.71 9.49
C ARG A 18 -9.73 7.82 10.69
N PHE A 19 -10.76 7.30 11.35
CA PHE A 19 -10.63 6.67 12.64
C PHE A 19 -11.18 5.23 12.69
N GLN A 20 -11.35 4.60 11.55
CA GLN A 20 -12.03 3.30 11.46
C GLN A 20 -11.24 2.26 12.21
N HIS A 21 -9.97 2.20 11.85
CA HIS A 21 -8.99 1.34 12.49
C HIS A 21 -8.64 1.57 13.97
N VAL A 22 -9.13 2.61 14.62
CA VAL A 22 -8.84 2.75 16.05
C VAL A 22 -9.69 1.74 16.82
N ILE A 23 -9.08 1.00 17.74
CA ILE A 23 -9.84 -0.01 18.45
C ILE A 23 -10.76 0.69 19.44
N GLU A 24 -11.98 0.16 19.56
CA GLU A 24 -12.98 0.72 20.45
C GLU A 24 -12.60 0.43 21.90
N THR A 25 -12.92 1.39 22.77
CA THR A 25 -12.69 1.25 24.20
C THR A 25 -13.47 0.05 24.72
N PRO A 26 -12.85 -0.79 25.57
CA PRO A 26 -13.61 -1.86 26.26
C PRO A 26 -14.47 -1.34 27.39
N GLU A 27 -15.50 -2.11 27.75
CA GLU A 27 -16.25 -1.90 29.00
C GLU A 27 -15.35 -2.26 30.20
N PRO A 28 -15.64 -1.72 31.39
CA PRO A 28 -14.73 -1.94 32.55
C PRO A 28 -14.42 -3.40 32.83
N GLY A 29 -13.18 -3.71 33.19
CA GLY A 29 -12.76 -5.10 33.44
C GLY A 29 -12.71 -6.03 32.22
N LYS A 30 -13.14 -5.52 31.06
CA LYS A 30 -13.12 -6.27 29.82
C LYS A 30 -11.76 -6.07 29.12
N TRP A 31 -10.96 -5.10 29.57
CA TRP A 31 -9.78 -4.66 28.80
C TRP A 31 -8.91 -5.83 28.32
N GLU A 32 -8.87 -6.90 29.12
CA GLU A 32 -8.14 -8.11 28.81
C GLU A 32 -8.98 -9.06 27.91
N LEU A 33 -10.27 -9.24 28.22
CA LEU A 33 -11.14 -10.18 27.46
C LEU A 33 -11.70 -9.63 26.13
N SER A 34 -11.82 -8.32 26.03
CA SER A 34 -12.14 -7.70 24.76
C SER A 34 -11.18 -8.14 23.63
N GLY A 35 -9.95 -8.54 23.96
CA GLY A 35 -8.88 -8.79 22.97
C GLY A 35 -8.05 -7.51 22.75
N TYR A 36 -8.26 -6.50 23.58
CA TYR A 36 -7.62 -5.23 23.36
C TYR A 36 -6.18 -5.29 23.90
N GLU A 37 -5.99 -5.65 25.15
CA GLU A 37 -4.65 -5.71 25.71
C GLU A 37 -3.67 -6.40 24.74
N ALA A 38 -4.03 -7.57 24.22
CA ALA A 38 -3.20 -8.29 23.21
C ALA A 38 -2.96 -7.56 21.87
N ALA A 39 -3.77 -6.55 21.59
CA ALA A 39 -3.61 -5.74 20.39
C ALA A 39 -2.72 -4.51 20.59
N VAL A 40 -2.43 -4.15 21.85
CA VAL A 40 -1.62 -2.96 22.10
C VAL A 40 -0.21 -3.27 21.68
N PRO A 41 0.31 -2.52 20.71
CA PRO A 41 1.69 -2.80 20.32
C PRO A 41 2.65 -2.85 21.49
N ILE A 42 3.63 -3.72 21.42
CA ILE A 42 4.52 -3.92 22.59
C ILE A 42 5.18 -2.60 22.96
N THR A 43 5.52 -1.81 21.96
CA THR A 43 6.27 -0.58 22.18
C THR A 43 5.46 0.46 22.84
N GLU A 44 4.16 0.34 22.79
CA GLU A 44 3.28 1.32 23.39
C GLU A 44 2.73 0.86 24.72
N LYS A 45 2.98 -0.39 25.09
CA LYS A 45 2.37 -0.92 26.30
C LYS A 45 2.76 -0.23 27.62
N SER A 46 1.88 -0.40 28.58
CA SER A 46 2.10 -0.12 29.98
C SER A 46 2.87 -1.30 30.50
N ASN A 47 4.12 -1.07 30.92
CA ASN A 47 4.95 -2.12 31.53
C ASN A 47 4.45 -2.36 32.96
N PRO A 48 3.97 -3.57 33.26
CA PRO A 48 3.43 -3.88 34.61
C PRO A 48 4.35 -3.50 35.79
N LEU A 49 5.65 -3.70 35.59
CA LEU A 49 6.63 -3.24 36.56
C LEU A 49 6.52 -1.76 36.98
N THR A 50 6.08 -0.89 36.07
CA THR A 50 6.07 0.55 36.33
C THR A 50 4.68 1.10 36.64
N GLN A 51 3.68 0.23 36.84
CA GLN A 51 2.31 0.68 37.12
C GLN A 51 2.28 1.84 38.09
N ASP A 52 3.13 1.76 39.14
CA ASP A 52 3.20 2.81 40.18
C ASP A 52 4.51 3.59 40.15
N LEU A 53 5.06 3.76 38.98
CA LEU A 53 6.28 4.54 38.86
C LEU A 53 6.11 5.93 39.45
N ASP A 54 4.89 6.46 39.38
CA ASP A 54 4.57 7.80 39.93
C ASP A 54 4.61 7.85 41.48
N LYS A 55 4.64 6.70 42.15
CA LYS A 55 4.80 6.65 43.61
C LYS A 55 6.23 6.31 44.06
N ALA A 56 7.04 5.77 43.16
CA ALA A 56 8.33 5.29 43.54
C ALA A 56 9.25 6.41 44.00
N ASP A 57 10.05 6.11 45.03
CA ASP A 57 11.13 6.99 45.46
C ASP A 57 12.36 6.70 44.60
N ALA A 58 13.32 7.61 44.65
CA ALA A 58 14.34 7.71 43.62
C ALA A 58 15.10 6.42 43.42
N GLU A 59 15.34 5.71 44.53
CA GLU A 59 16.13 4.49 44.51
C GLU A 59 15.34 3.34 43.90
N ASN A 60 14.02 3.32 44.12
CA ASN A 60 13.13 2.36 43.43
C ASN A 60 13.04 2.60 41.92
N ILE A 61 12.85 3.85 41.56
CA ILE A 61 12.79 4.19 40.20
C ILE A 61 13.96 3.49 39.53
N VAL A 62 15.16 3.64 40.10
CA VAL A 62 16.38 3.11 39.46
C VAL A 62 16.30 1.59 39.35
N ARG A 63 15.82 0.95 40.39
CA ARG A 63 15.59 -0.47 40.33
C ARG A 63 14.62 -0.75 39.16
N LEU A 64 13.48 -0.04 39.14
CA LEU A 64 12.45 -0.35 38.19
C LEU A 64 12.95 -0.21 36.77
N LEU A 65 13.61 0.88 36.45
CA LEU A 65 14.12 1.08 35.10
C LEU A 65 15.21 0.10 34.74
N GLY A 66 16.10 -0.14 35.71
CA GLY A 66 17.17 -1.12 35.57
C GLY A 66 16.57 -2.47 35.26
N GLN A 67 15.45 -2.72 35.90
CA GLN A 67 14.73 -3.93 35.64
C GLN A 67 14.04 -3.94 34.27
N CYS A 68 13.43 -2.81 33.90
CA CYS A 68 12.89 -2.65 32.54
C CYS A 68 13.98 -2.85 31.49
N ASP A 69 15.17 -2.26 31.72
CA ASP A 69 16.30 -2.47 30.79
C ASP A 69 16.73 -3.93 30.69
N ALA A 70 16.71 -4.62 31.83
CA ALA A 70 17.01 -6.05 31.88
C ALA A 70 16.24 -6.82 30.80
N GLU A 71 14.96 -6.50 30.63
CA GLU A 71 14.06 -7.26 29.73
C GLU A 71 14.59 -7.43 28.30
N ILE A 72 15.49 -6.56 27.92
CA ILE A 72 16.13 -6.69 26.63
C ILE A 72 16.71 -8.10 26.44
N PHE A 73 17.30 -8.63 27.52
CA PHE A 73 18.11 -9.84 27.47
C PHE A 73 17.32 -11.07 27.98
N GLN A 74 16.16 -10.80 28.56
CA GLN A 74 15.28 -11.84 28.98
C GLN A 74 14.91 -12.78 27.83
N GLU A 75 14.97 -14.06 28.13
CA GLU A 75 14.71 -15.05 27.13
C GLU A 75 13.24 -15.38 26.93
N GLU A 76 12.99 -15.92 25.73
CA GLU A 76 11.66 -16.33 25.33
C GLU A 76 11.23 -17.52 26.17
N GLY A 77 10.13 -17.38 26.90
CA GLY A 77 9.47 -18.51 27.52
C GLY A 77 8.89 -19.48 26.49
N GLN A 78 8.44 -20.64 26.96
CA GLN A 78 7.89 -21.70 26.08
C GLN A 78 6.65 -21.27 25.27
N SER A 81 3.87 -19.82 21.04
CA SER A 81 3.20 -19.45 22.28
C SER A 81 3.44 -17.96 22.61
N THR A 82 4.66 -17.47 22.33
CA THR A 82 4.99 -16.08 22.55
C THR A 82 5.91 -15.55 21.46
N TYR A 83 6.37 -14.30 21.64
CA TYR A 83 7.09 -13.57 20.59
C TYR A 83 8.58 -13.80 20.69
N GLN A 84 9.20 -14.01 19.53
CA GLN A 84 10.64 -14.10 19.49
C GLN A 84 11.33 -12.96 20.30
N ARG A 85 12.52 -13.25 20.80
CA ARG A 85 13.31 -12.26 21.54
C ARG A 85 14.76 -12.25 21.08
N LEU A 86 15.54 -11.39 21.70
CA LEU A 86 16.87 -11.12 21.17
C LEU A 86 17.73 -12.37 21.16
N TYR A 87 17.56 -13.23 22.17
CA TYR A 87 18.32 -14.47 22.21
C TYR A 87 17.70 -15.64 21.43
N SER A 88 16.49 -15.49 20.89
CA SER A 88 15.83 -16.60 20.24
C SER A 88 16.59 -17.00 18.95
N GLU A 89 16.47 -18.26 18.58
CA GLU A 89 17.20 -18.82 17.44
C GLU A 89 16.89 -18.08 16.13
N SER A 90 15.62 -17.78 15.88
CA SER A 90 15.25 -17.03 14.68
C SER A 90 15.89 -15.63 14.63
N ILE A 91 15.89 -14.90 15.73
CA ILE A 91 16.56 -13.60 15.67
C ILE A 91 18.04 -13.75 15.38
N LEU A 92 18.74 -14.64 16.09
CA LEU A 92 20.19 -14.86 15.85
C LEU A 92 20.51 -15.34 14.44
N THR A 93 19.71 -16.26 13.91
CA THR A 93 19.79 -16.70 12.51
C THR A 93 19.63 -15.54 11.51
N THR A 94 18.70 -14.63 11.78
CA THR A 94 18.55 -13.46 10.95
C THR A 94 19.80 -12.57 11.10
N MET A 95 20.25 -12.34 12.32
CA MET A 95 21.43 -11.50 12.49
C MET A 95 22.61 -12.05 11.71
N VAL A 96 22.77 -13.39 11.70
CA VAL A 96 23.87 -14.07 10.97
C VAL A 96 23.72 -13.88 9.46
N GLN A 97 22.52 -14.10 8.94
CA GLN A 97 22.29 -13.85 7.54
C GLN A 97 22.64 -12.38 7.19
N VAL A 98 22.24 -11.43 8.04
CA VAL A 98 22.44 -10.02 7.69
C VAL A 98 23.93 -9.70 7.72
N ALA A 99 24.59 -10.00 8.83
CA ALA A 99 26.06 -9.96 8.85
C ALA A 99 26.62 -10.56 7.55
N GLY A 100 26.22 -11.78 7.20
CA GLY A 100 26.62 -12.41 5.93
C GLY A 100 26.52 -11.49 4.73
N LYS A 101 25.41 -10.73 4.65
CA LYS A 101 25.18 -9.75 3.56
C LYS A 101 25.98 -8.46 3.70
N VAL A 102 26.22 -7.99 4.92
CA VAL A 102 27.21 -6.93 5.12
C VAL A 102 28.54 -7.38 4.50
N GLN A 103 28.98 -8.59 4.83
CA GLN A 103 30.25 -9.08 4.33
C GLN A 103 30.39 -9.04 2.80
N GLU A 104 29.38 -9.43 2.04
CA GLU A 104 29.46 -9.30 0.56
C GLU A 104 29.86 -7.89 0.10
N VAL A 105 29.39 -6.91 0.86
CA VAL A 105 29.63 -5.51 0.60
C VAL A 105 31.01 -5.11 1.11
N LEU A 106 31.40 -5.60 2.28
CA LEU A 106 32.72 -5.30 2.82
C LEU A 106 33.86 -5.76 1.92
N LYS A 107 33.65 -6.89 1.25
CA LYS A 107 34.61 -7.45 0.31
C LYS A 107 34.57 -6.70 -1.02
N GLU A 108 33.83 -5.59 -1.13
CA GLU A 108 33.75 -4.87 -2.41
C GLU A 108 33.46 -3.39 -2.17
N PRO A 109 34.34 -2.70 -1.44
CA PRO A 109 34.08 -1.30 -1.05
C PRO A 109 33.81 -0.31 -2.20
N ASP A 110 34.30 -0.61 -3.41
CA ASP A 110 34.02 0.24 -4.58
C ASP A 110 32.56 0.06 -5.02
N GLY A 111 31.79 1.13 -4.91
CA GLY A 111 30.39 1.12 -5.38
C GLY A 111 29.37 0.55 -4.39
N GLY A 112 29.84 0.23 -3.18
CA GLY A 112 28.99 -0.27 -2.13
C GLY A 112 28.73 0.79 -1.10
N LEU A 113 27.68 0.59 -0.32
CA LEU A 113 27.32 1.54 0.74
C LEU A 113 26.44 0.86 1.78
N VAL A 114 26.55 1.31 3.03
CA VAL A 114 25.61 0.88 4.05
C VAL A 114 25.03 2.06 4.76
N VAL A 115 23.70 2.07 4.81
CA VAL A 115 22.91 3.19 5.33
C VAL A 115 22.07 2.75 6.52
N LEU A 116 22.18 3.50 7.60
CA LEU A 116 21.40 3.26 8.79
C LEU A 116 20.47 4.47 8.95
N SER A 117 19.17 4.23 8.93
CA SER A 117 18.19 5.28 8.73
C SER A 117 17.09 5.18 9.74
N GLY A 118 16.76 6.30 10.37
CA GLY A 118 15.61 6.35 11.23
C GLY A 118 15.25 7.77 11.62
N GLY A 119 14.09 7.91 12.31
CA GLY A 119 13.58 9.20 12.76
C GLY A 119 13.82 9.32 14.24
N GLY A 120 14.04 10.54 14.74
CA GLY A 120 14.19 10.78 16.17
C GLY A 120 15.36 9.98 16.68
N THR A 121 15.22 9.41 17.89
CA THR A 121 16.29 8.69 18.53
C THR A 121 16.76 7.50 17.72
N SER A 122 15.90 6.90 16.92
CA SER A 122 16.39 5.88 16.01
C SER A 122 17.43 6.43 15.08
N GLY A 123 17.23 7.66 14.61
CA GLY A 123 18.19 8.36 13.76
C GLY A 123 19.44 8.79 14.52
N ARG A 124 19.29 9.25 15.76
CA ARG A 124 20.43 9.50 16.62
C ARG A 124 21.34 8.28 16.72
N MET A 125 20.74 7.11 16.88
CA MET A 125 21.51 5.91 17.06
C MET A 125 22.24 5.64 15.77
N ALA A 126 21.54 5.78 14.65
CA ALA A 126 22.12 5.48 13.33
C ALA A 126 23.42 6.25 13.10
N PHE A 127 23.51 7.41 13.73
CA PHE A 127 24.57 8.36 13.49
C PHE A 127 25.78 7.94 14.27
N LEU A 128 25.60 7.85 15.61
CA LEU A 128 26.60 7.32 16.54
C LEU A 128 27.27 6.08 15.99
N MET A 129 26.44 5.14 15.57
CA MET A 129 26.94 3.90 14.99
C MET A 129 27.76 4.22 13.76
N SER A 130 27.13 4.68 12.68
CA SER A 130 27.81 4.94 11.38
C SER A 130 29.20 5.59 11.50
N VAL A 131 29.35 6.53 12.43
CA VAL A 131 30.68 7.10 12.76
C VAL A 131 31.68 6.00 13.16
N SER A 132 31.35 5.28 14.23
CA SER A 132 32.23 4.22 14.74
C SER A 132 32.68 3.27 13.66
N PHE A 133 31.76 2.66 12.93
CA PHE A 133 32.15 1.72 11.87
C PHE A 133 32.87 2.37 10.71
N ASN A 134 32.73 3.68 10.58
CA ASN A 134 33.56 4.45 9.65
C ASN A 134 34.99 4.49 10.18
N GLN A 135 35.13 4.79 11.48
CA GLN A 135 36.46 4.79 12.11
C GLN A 135 37.18 3.45 12.02
N LEU A 136 36.44 2.39 12.37
CA LEU A 136 36.95 1.04 12.28
C LEU A 136 37.62 0.83 10.96
N MET A 137 36.87 1.07 9.88
CA MET A 137 37.41 0.89 8.54
C MET A 137 38.59 1.86 8.28
N LYS A 138 38.44 3.11 8.69
CA LYS A 138 39.48 4.13 8.57
C LYS A 138 40.81 3.77 9.27
N GLY A 139 40.73 3.48 10.58
CA GLY A 139 41.88 2.99 11.36
C GLY A 139 42.58 1.76 10.76
N LEU A 140 41.90 1.03 9.88
CA LEU A 140 42.50 -0.01 9.04
C LEU A 140 42.78 0.48 7.60
N GLY A 141 42.78 1.79 7.39
CA GLY A 141 42.92 2.35 6.04
C GLY A 141 42.06 1.63 5.02
N GLN A 142 40.75 1.76 5.20
CA GLN A 142 39.76 1.34 4.21
C GLN A 142 38.83 2.52 3.97
N LYS A 143 38.29 2.61 2.75
CA LYS A 143 37.34 3.69 2.51
C LYS A 143 36.07 3.34 3.29
N PRO A 144 35.58 4.29 4.12
CA PRO A 144 34.36 4.11 4.91
C PRO A 144 33.12 4.06 4.03
N LEU A 145 32.27 3.05 4.28
CA LEU A 145 31.02 2.84 3.51
C LEU A 145 29.76 3.13 4.34
N TYR A 146 29.94 3.61 5.55
CA TYR A 146 28.80 3.84 6.38
C TYR A 146 28.31 5.24 6.16
N THR A 147 27.00 5.37 6.17
CA THR A 147 26.40 6.67 6.31
C THR A 147 25.04 6.51 7.02
N TYR A 148 24.48 7.61 7.46
CA TYR A 148 23.22 7.59 8.18
C TYR A 148 22.24 8.52 7.52
N LEU A 149 21.03 8.51 8.03
CA LEU A 149 19.97 9.38 7.56
C LEU A 149 19.10 9.60 8.75
N ILE A 150 18.82 10.86 9.05
CA ILE A 150 17.92 11.17 10.11
C ILE A 150 16.77 12.01 9.58
N ALA A 151 15.54 11.63 9.95
CA ALA A 151 14.40 12.38 9.46
C ALA A 151 14.58 13.83 9.83
N GLY A 152 14.61 14.66 8.82
CA GLY A 152 14.71 16.11 8.96
C GLY A 152 16.09 16.62 8.55
N GLY A 153 16.87 15.77 7.89
CA GLY A 153 18.27 16.04 7.63
C GLY A 153 19.13 16.17 8.88
N ASP A 154 20.43 16.41 8.67
CA ASP A 154 21.46 16.18 9.70
C ASP A 154 21.35 17.06 10.94
N ARG A 155 20.62 18.15 10.87
CA ARG A 155 20.36 18.98 12.04
C ARG A 155 19.46 18.27 13.05
N SER A 156 18.72 17.25 12.58
CA SER A 156 17.84 16.51 13.48
C SER A 156 18.69 15.76 14.51
N VAL A 157 19.95 15.50 14.18
CA VAL A 157 20.76 14.63 15.02
C VAL A 157 20.75 15.09 16.44
N VAL A 158 20.76 16.40 16.64
CA VAL A 158 20.94 16.98 17.97
C VAL A 158 19.82 17.97 18.33
N ALA A 159 18.77 17.96 17.52
CA ALA A 159 17.59 18.79 17.77
C ALA A 159 16.38 17.95 18.16
N SER A 160 15.45 18.58 18.87
CA SER A 160 14.09 18.06 19.10
C SER A 160 13.21 18.45 17.94
N ARG A 161 12.85 17.49 17.10
CA ARG A 161 12.19 17.79 15.84
C ARG A 161 11.17 16.72 15.46
N GLU A 162 10.24 16.50 16.37
CA GLU A 162 9.36 15.30 16.33
C GLU A 162 8.48 15.13 15.08
N GLY A 163 8.27 16.22 14.35
CA GLY A 163 7.31 16.29 13.24
C GLY A 163 7.83 15.84 11.91
N THR A 164 9.13 15.70 11.80
CA THR A 164 9.72 15.41 10.52
C THR A 164 9.58 13.96 10.07
N GLU A 165 9.23 13.07 11.00
CA GLU A 165 9.19 11.62 10.75
C GLU A 165 8.02 11.13 9.84
N ASP A 166 7.04 12.01 9.61
CA ASP A 166 5.74 11.60 9.07
C ASP A 166 5.67 11.61 7.57
N SER A 167 6.77 11.87 6.88
CA SER A 167 6.74 11.85 5.40
C SER A 167 7.57 10.72 4.81
N ALA A 168 6.90 9.87 4.05
CA ALA A 168 7.53 8.77 3.32
C ALA A 168 8.31 9.22 2.12
N LEU A 169 8.00 10.39 1.55
CA LEU A 169 8.69 10.85 0.35
C LEU A 169 9.98 11.49 0.82
N HIS A 170 9.91 12.23 1.90
CA HIS A 170 11.10 12.79 2.47
C HIS A 170 12.13 11.69 2.68
N GLY A 171 11.73 10.64 3.40
CA GLY A 171 12.59 9.45 3.59
C GLY A 171 13.17 8.95 2.29
N ILE A 172 12.33 8.77 1.26
CA ILE A 172 12.79 8.29 -0.03
C ILE A 172 13.75 9.27 -0.72
N GLU A 173 13.49 10.56 -0.65
CA GLU A 173 14.32 11.55 -1.38
C GLU A 173 15.72 11.53 -0.78
N GLU A 174 15.81 11.53 0.54
CA GLU A 174 17.09 11.48 1.25
C GLU A 174 17.86 10.18 0.97
N LEU A 175 17.13 9.08 0.76
CA LEU A 175 17.73 7.82 0.32
C LEU A 175 18.34 7.91 -1.09
N LYS A 176 17.64 8.58 -2.00
CA LYS A 176 18.10 8.71 -3.36
C LYS A 176 19.33 9.66 -3.44
N LYS A 177 19.32 10.74 -2.67
CA LYS A 177 20.50 11.60 -2.52
C LYS A 177 21.70 10.69 -2.33
N VAL A 178 21.68 10.03 -1.19
CA VAL A 178 22.84 9.35 -0.67
C VAL A 178 23.23 8.09 -1.45
N ALA A 179 22.36 7.60 -2.33
CA ALA A 179 22.59 6.34 -3.01
C ALA A 179 22.86 6.43 -4.51
N ALA A 180 23.33 7.59 -4.97
CA ALA A 180 23.39 7.94 -6.39
C ALA A 180 24.28 7.06 -7.27
N GLY A 181 25.56 7.01 -6.94
CA GLY A 181 26.53 6.32 -7.79
C GLY A 181 26.45 4.81 -7.69
N LYS A 182 25.88 4.35 -6.58
CA LYS A 182 26.23 3.04 -6.02
C LYS A 182 25.51 1.88 -6.70
N LYS A 183 26.07 0.67 -6.54
CA LYS A 183 25.50 -0.56 -7.13
C LYS A 183 25.10 -1.59 -6.07
N ARG A 184 25.54 -1.40 -4.82
CA ARG A 184 25.14 -2.28 -3.72
C ARG A 184 24.89 -1.44 -2.46
N VAL A 185 23.62 -1.24 -2.15
CA VAL A 185 23.23 -0.50 -0.97
C VAL A 185 22.50 -1.39 0.05
N ILE A 186 22.97 -1.37 1.29
CA ILE A 186 22.25 -2.00 2.34
C ILE A 186 21.67 -0.88 3.16
N VAL A 187 20.33 -0.92 3.29
CA VAL A 187 19.57 0.10 4.02
C VAL A 187 18.96 -0.50 5.28
N ILE A 188 19.50 -0.12 6.43
CA ILE A 188 19.00 -0.57 7.69
C ILE A 188 17.98 0.45 8.19
N GLY A 189 16.70 0.10 8.02
CA GLY A 189 15.60 0.95 8.44
C GLY A 189 15.28 0.71 9.90
N ILE A 190 15.35 1.76 10.68
CA ILE A 190 15.17 1.66 12.10
C ILE A 190 13.93 2.39 12.62
N SER A 191 12.89 1.62 12.93
CA SER A 191 11.76 2.11 13.68
C SER A 191 11.37 1.20 14.85
N VAL A 192 11.64 1.66 16.06
CA VAL A 192 11.37 0.88 17.21
C VAL A 192 9.98 0.31 17.15
N GLY A 193 9.05 1.18 16.81
CA GLY A 193 7.65 0.81 16.78
C GLY A 193 7.19 0.16 15.48
N LEU A 194 8.12 -0.05 14.56
CA LEU A 194 7.74 -0.33 13.20
C LEU A 194 6.66 0.69 12.77
N SER A 195 7.03 1.98 12.87
CA SER A 195 6.10 3.11 12.85
C SER A 195 6.36 4.25 11.85
N ALA A 196 7.60 4.72 11.77
CA ALA A 196 7.92 5.98 11.12
C ALA A 196 7.70 5.94 9.59
N PRO A 197 6.80 6.79 9.06
CA PRO A 197 6.67 6.83 7.60
C PRO A 197 7.98 7.10 6.85
N PHE A 198 8.87 7.91 7.43
CA PHE A 198 10.26 8.03 6.91
C PHE A 198 10.86 6.68 6.43
N VAL A 199 10.95 5.71 7.33
CA VAL A 199 11.53 4.41 7.00
C VAL A 199 10.60 3.64 6.08
N ALA A 200 9.31 3.67 6.35
CA ALA A 200 8.38 2.96 5.48
C ALA A 200 8.67 3.18 3.99
N GLY A 201 8.86 4.42 3.58
CA GLY A 201 9.11 4.72 2.16
C GLY A 201 10.39 4.10 1.64
N GLN A 202 11.48 4.32 2.40
CA GLN A 202 12.81 3.75 2.07
C GLN A 202 12.73 2.24 1.84
N MET A 203 12.08 1.55 2.77
CA MET A 203 12.00 0.10 2.74
C MET A 203 11.29 -0.31 1.50
N ASP A 204 10.28 0.46 1.13
CA ASP A 204 9.46 0.13 -0.02
C ASP A 204 10.23 0.43 -1.29
N CYS A 205 10.85 1.60 -1.34
CA CYS A 205 11.75 1.97 -2.43
C CYS A 205 12.71 0.82 -2.70
N CYS A 206 13.43 0.40 -1.65
CA CYS A 206 14.31 -0.77 -1.78
C CYS A 206 13.58 -1.92 -2.48
N MET A 207 12.47 -2.38 -1.94
CA MET A 207 11.90 -3.57 -2.54
C MET A 207 11.52 -3.36 -4.02
N ASN A 208 11.41 -2.11 -4.44
CA ASN A 208 11.20 -1.81 -5.85
C ASN A 208 12.44 -1.97 -6.69
N ASN A 209 13.62 -2.06 -6.07
CA ASN A 209 14.90 -2.09 -6.78
C ASN A 209 15.94 -2.96 -6.06
N THR A 210 15.70 -4.26 -6.01
CA THR A 210 16.55 -5.15 -5.21
C THR A 210 17.89 -5.43 -5.91
N ALA A 211 17.86 -5.48 -7.25
CA ALA A 211 19.07 -5.43 -8.05
C ALA A 211 20.12 -4.51 -7.41
N VAL A 212 19.73 -3.34 -6.91
CA VAL A 212 20.67 -2.45 -6.17
C VAL A 212 20.55 -2.49 -4.65
N PHE A 213 19.31 -2.53 -4.16
CA PHE A 213 18.98 -2.31 -2.75
C PHE A 213 18.72 -3.57 -1.92
N LEU A 214 19.16 -3.57 -0.67
CA LEU A 214 18.80 -4.64 0.27
C LEU A 214 18.44 -4.02 1.63
N PRO A 215 17.13 -3.95 1.90
CA PRO A 215 16.63 -3.33 3.11
C PRO A 215 16.57 -4.27 4.27
N VAL A 216 16.89 -3.75 5.45
CA VAL A 216 16.84 -4.52 6.66
C VAL A 216 16.06 -3.69 7.63
N LEU A 217 14.85 -4.14 7.92
CA LEU A 217 14.04 -3.47 8.88
C LEU A 217 14.41 -3.91 10.29
N VAL A 218 14.61 -2.93 11.17
CA VAL A 218 14.87 -3.13 12.58
C VAL A 218 13.90 -2.35 13.48
N GLY A 219 13.23 -3.08 14.38
CA GLY A 219 12.42 -2.51 15.49
C GLY A 219 11.97 -3.60 16.47
N PHE A 220 11.02 -3.31 17.36
CA PHE A 220 10.73 -4.22 18.43
C PHE A 220 9.25 -4.56 18.66
N ASN A 221 8.46 -4.49 17.59
CA ASN A 221 7.17 -5.09 17.61
C ASN A 221 7.17 -6.19 16.63
N PRO A 222 6.37 -7.23 16.90
CA PRO A 222 6.06 -8.20 15.85
C PRO A 222 5.39 -7.51 14.69
N VAL A 223 5.59 -8.09 13.53
CA VAL A 223 5.12 -7.51 12.32
C VAL A 223 3.65 -7.32 12.40
N SER A 224 2.94 -8.28 12.99
CA SER A 224 1.51 -8.16 13.20
C SER A 224 1.05 -7.04 14.14
N MET A 225 1.96 -6.29 14.77
CA MET A 225 1.59 -5.08 15.51
C MET A 225 2.08 -3.81 14.83
N ALA A 226 2.85 -3.94 13.77
CA ALA A 226 3.30 -2.82 13.02
C ALA A 226 2.16 -1.86 12.67
N ARG A 227 2.48 -0.57 12.74
CA ARG A 227 1.56 0.50 12.39
C ARG A 227 0.88 0.17 11.06
N ASN A 228 -0.47 0.20 11.15
CA ASN A 228 -1.35 0.08 10.03
C ASN A 228 -2.05 1.37 9.66
N ASP A 229 -1.53 2.55 10.03
CA ASP A 229 -2.29 3.73 9.63
C ASP A 229 -1.95 4.27 8.24
N PRO A 230 -2.97 4.75 7.53
CA PRO A 230 -2.74 5.46 6.28
C PRO A 230 -1.61 6.47 6.42
N ILE A 231 -0.70 6.49 5.44
CA ILE A 231 0.32 7.50 5.44
C ILE A 231 -0.10 8.52 4.41
N GLU A 232 0.08 9.79 4.75
CA GLU A 232 -0.55 10.83 3.97
C GLU A 232 0.00 10.98 2.56
N ASP A 233 1.31 10.79 2.38
CA ASP A 233 1.90 10.84 1.02
C ASP A 233 2.23 9.44 0.42
N TRP A 234 1.60 8.39 0.92
CA TRP A 234 2.00 7.04 0.58
C TRP A 234 0.77 6.11 0.52
N SER A 235 0.80 5.12 -0.37
CA SER A 235 -0.35 4.25 -0.57
C SER A 235 -0.37 2.97 0.31
N SER A 236 0.78 2.59 0.87
CA SER A 236 0.85 1.39 1.73
C SER A 236 1.11 1.75 3.18
N THR A 237 0.86 0.82 4.09
CA THR A 237 1.15 1.06 5.51
C THR A 237 2.51 0.47 5.89
N PHE A 238 3.03 0.85 7.04
CA PHE A 238 4.21 0.17 7.54
C PHE A 238 3.93 -1.36 7.62
N ARG A 239 2.74 -1.73 8.10
CA ARG A 239 2.41 -3.14 8.23
C ARG A 239 2.60 -3.92 6.91
N GLN A 240 2.13 -3.35 5.82
CA GLN A 240 2.17 -4.00 4.50
C GLN A 240 3.58 -4.08 3.99
N VAL A 241 4.31 -2.98 4.17
CA VAL A 241 5.71 -2.99 3.80
C VAL A 241 6.45 -4.02 4.63
N ALA A 242 6.20 -4.05 5.93
CA ALA A 242 6.92 -4.96 6.80
C ALA A 242 6.56 -6.39 6.46
N GLU A 243 5.28 -6.65 6.11
CA GLU A 243 4.83 -8.00 5.68
C GLU A 243 5.47 -8.43 4.38
N ARG A 244 5.66 -7.49 3.46
CA ARG A 244 6.23 -7.82 2.16
C ARG A 244 7.71 -8.17 2.35
N MET A 245 8.40 -7.39 3.18
CA MET A 245 9.78 -7.68 3.53
C MET A 245 9.88 -9.12 4.02
N GLN A 246 9.12 -9.43 5.06
CA GLN A 246 9.15 -10.77 5.62
C GLN A 246 9.02 -11.83 4.53
N LYS A 247 8.19 -11.58 3.52
CA LYS A 247 8.05 -12.50 2.37
C LYS A 247 9.35 -12.63 1.55
N MET A 248 10.08 -11.54 1.38
CA MET A 248 11.31 -11.58 0.65
C MET A 248 12.44 -12.27 1.42
N GLN A 249 12.27 -12.40 2.75
CA GLN A 249 13.30 -12.97 3.63
C GLN A 249 13.76 -14.39 3.27
N GLU A 250 12.86 -15.27 2.83
CA GLU A 250 13.23 -16.62 2.34
C GLU A 250 14.32 -16.49 1.30
N LYS A 251 14.00 -15.80 0.21
CA LYS A 251 14.95 -15.59 -0.87
C LYS A 251 16.07 -14.62 -0.48
N GLN A 252 16.13 -14.18 0.79
CA GLN A 252 17.28 -13.42 1.30
C GLN A 252 17.44 -12.05 0.63
N LYS A 253 16.36 -11.51 0.11
CA LYS A 253 16.38 -10.23 -0.52
C LYS A 253 15.84 -9.12 0.42
N ALA A 254 15.41 -9.49 1.62
CA ALA A 254 15.09 -8.51 2.68
C ALA A 254 15.03 -9.26 3.99
N PHE A 255 15.16 -8.51 5.07
CA PHE A 255 15.24 -9.08 6.37
C PHE A 255 14.45 -8.24 7.35
N VAL A 256 13.78 -8.92 8.29
CA VAL A 256 13.12 -8.24 9.39
C VAL A 256 13.72 -8.74 10.66
N LEU A 257 14.31 -7.81 11.41
CA LEU A 257 14.98 -8.07 12.66
C LEU A 257 14.18 -7.36 13.77
N ASN A 258 13.33 -8.08 14.46
CA ASN A 258 12.37 -7.44 15.33
C ASN A 258 12.10 -8.25 16.61
N PRO A 259 13.08 -8.30 17.53
CA PRO A 259 12.88 -8.96 18.83
C PRO A 259 11.95 -8.19 19.71
N ALA A 260 11.12 -8.86 20.51
CA ALA A 260 10.48 -8.19 21.62
C ALA A 260 11.49 -8.00 22.76
N ILE A 261 11.44 -6.84 23.38
CA ILE A 261 12.27 -6.51 24.52
C ILE A 261 11.43 -6.03 25.69
N GLY A 262 10.12 -6.07 25.53
CA GLY A 262 9.18 -5.71 26.57
C GLY A 262 8.88 -4.24 26.51
N PRO A 263 7.75 -3.80 27.11
CA PRO A 263 7.34 -2.40 27.07
C PRO A 263 8.32 -1.51 27.73
N GLU A 264 8.29 -0.23 27.40
CA GLU A 264 9.11 0.77 28.07
C GLU A 264 8.60 1.05 29.48
N GLY A 265 9.53 1.33 30.38
CA GLY A 265 9.14 1.70 31.73
C GLY A 265 8.25 2.93 31.75
N LEU A 266 8.50 3.81 30.78
CA LEU A 266 7.62 4.95 30.51
C LEU A 266 7.00 4.72 29.16
N SER A 267 5.70 4.45 29.19
CA SER A 267 4.97 3.97 28.06
C SER A 267 5.25 4.80 26.82
N GLY A 268 5.74 4.14 25.77
CA GLY A 268 5.90 4.74 24.44
C GLY A 268 7.20 5.48 24.33
N SER A 269 7.99 5.47 25.40
CA SER A 269 9.25 6.18 25.35
C SER A 269 10.38 5.36 24.78
N SER A 270 10.35 5.18 23.46
CA SER A 270 11.26 4.30 22.76
C SER A 270 12.70 4.82 22.68
N ARG A 271 12.93 6.02 23.20
CA ARG A 271 14.27 6.54 23.22
C ARG A 271 15.07 5.66 24.16
N MET A 272 14.41 5.16 25.21
CA MET A 272 15.07 4.35 26.24
C MET A 272 15.36 2.92 25.78
N LYS A 273 14.63 1.93 26.28
CA LYS A 273 14.97 0.57 25.88
C LYS A 273 15.12 0.43 24.35
N GLY A 274 14.20 1.01 23.58
CA GLY A 274 14.29 0.91 22.10
C GLY A 274 15.61 1.40 21.53
N GLY A 275 16.11 2.49 22.09
CA GLY A 275 17.39 3.05 21.65
C GLY A 275 18.56 2.17 22.03
N SER A 276 18.58 1.74 23.30
CA SER A 276 19.59 0.81 23.78
C SER A 276 19.59 -0.44 22.88
N ALA A 277 18.43 -1.06 22.73
CA ALA A 277 18.36 -2.34 22.00
C ALA A 277 18.83 -2.17 20.58
N THR A 278 18.58 -1.00 20.03
CA THR A 278 19.05 -0.70 18.70
C THR A 278 20.57 -0.80 18.58
N LYS A 279 21.28 -0.15 19.50
CA LYS A 279 22.74 -0.27 19.56
C LYS A 279 23.15 -1.73 19.81
N ILE A 280 22.67 -2.27 20.91
CA ILE A 280 23.05 -3.61 21.29
C ILE A 280 22.92 -4.51 20.05
N LEU A 281 21.82 -4.37 19.33
CA LEU A 281 21.56 -5.29 18.26
C LEU A 281 22.43 -5.04 17.05
N LEU A 282 22.70 -3.78 16.74
CA LEU A 282 23.34 -3.52 15.44
C LEU A 282 24.84 -3.55 15.57
N GLU A 283 25.32 -2.89 16.63
CA GLU A 283 26.75 -2.97 16.97
C GLU A 283 27.22 -4.43 16.94
N THR A 284 26.50 -5.26 17.68
CA THR A 284 26.75 -6.67 17.68
C THR A 284 26.98 -7.24 16.26
N LEU A 285 25.91 -7.26 15.49
CA LEU A 285 25.89 -7.79 14.13
C LEU A 285 26.99 -7.19 13.21
N LEU A 286 27.18 -5.88 13.27
CA LEU A 286 28.17 -5.27 12.44
C LEU A 286 29.59 -5.63 12.92
N LEU A 287 29.83 -5.48 14.22
CA LEU A 287 31.15 -5.75 14.76
C LEU A 287 31.53 -7.17 14.39
N ALA A 288 30.62 -8.10 14.62
CA ALA A 288 30.84 -9.45 14.18
C ALA A 288 31.10 -9.52 12.67
N ALA A 289 30.30 -8.86 11.85
CA ALA A 289 30.49 -8.92 10.39
C ALA A 289 31.89 -8.49 9.96
N HIS A 290 32.48 -7.53 10.69
CA HIS A 290 33.81 -7.05 10.38
C HIS A 290 34.91 -8.04 10.83
N LYS A 291 35.09 -8.12 12.16
CA LYS A 291 35.93 -9.14 12.80
C LYS A 291 36.11 -10.40 12.00
N THR A 292 35.02 -10.92 11.49
CA THR A 292 35.03 -12.22 10.84
C THR A 292 35.46 -12.19 9.37
N VAL A 293 35.31 -11.08 8.67
CA VAL A 293 35.78 -11.06 7.27
C VAL A 293 37.28 -11.14 7.21
N ASP A 294 37.90 -10.47 8.19
CA ASP A 294 39.35 -10.31 8.26
C ASP A 294 40.00 -11.63 8.67
N GLN A 295 39.36 -12.35 9.59
CA GLN A 295 39.75 -13.73 9.97
C GLN A 295 39.33 -14.78 8.93
N GLY A 296 38.56 -14.39 7.90
CA GLY A 296 38.22 -15.28 6.77
C GLY A 296 37.21 -16.37 7.10
N ILE A 297 36.49 -16.15 8.20
CA ILE A 297 35.49 -17.09 8.66
C ILE A 297 34.10 -16.48 8.37
N ALA A 298 33.10 -17.32 8.11
CA ALA A 298 31.70 -16.85 8.07
C ALA A 298 31.26 -16.57 9.49
N ALA A 299 30.46 -15.54 9.65
CA ALA A 299 29.94 -15.16 10.96
C ALA A 299 29.02 -16.25 11.49
N SER A 300 28.97 -16.36 12.81
CA SER A 300 28.38 -17.50 13.46
C SER A 300 27.53 -16.98 14.59
N GLN A 301 26.49 -17.73 14.91
CA GLN A 301 25.68 -17.48 16.10
C GLN A 301 26.58 -17.33 17.35
N ARG A 302 27.73 -18.03 17.32
CA ARG A 302 28.66 -18.06 18.44
C ARG A 302 29.46 -16.76 18.52
N CYS A 303 29.73 -16.13 17.38
CA CYS A 303 30.44 -14.83 17.41
C CYS A 303 29.59 -13.68 17.97
N LEU A 304 28.36 -13.60 17.51
CA LEU A 304 27.44 -12.57 18.02
C LEU A 304 27.26 -12.72 19.51
N LEU A 305 27.10 -13.96 19.95
CA LEU A 305 26.83 -14.25 21.36
C LEU A 305 27.88 -13.75 22.32
N GLU A 306 29.15 -13.78 21.90
CA GLU A 306 30.21 -13.13 22.66
C GLU A 306 29.78 -11.73 23.03
N ILE A 307 29.46 -10.95 22.00
CA ILE A 307 29.15 -9.52 22.16
C ILE A 307 27.88 -9.30 22.98
N LEU A 308 26.84 -10.03 22.63
CA LEU A 308 25.58 -9.91 23.36
C LEU A 308 25.80 -10.08 24.86
N ARG A 309 26.47 -11.16 25.24
CA ARG A 309 26.78 -11.39 26.66
C ARG A 309 27.63 -10.29 27.31
N THR A 310 28.53 -9.70 26.54
CA THR A 310 29.28 -8.55 27.03
C THR A 310 28.35 -7.38 27.29
N PHE A 311 27.46 -7.13 26.31
CA PHE A 311 26.43 -6.09 26.51
C PHE A 311 25.57 -6.41 27.72
N GLU A 312 25.26 -7.70 27.91
CA GLU A 312 24.45 -8.10 29.08
C GLU A 312 25.17 -7.90 30.40
N ARG A 313 26.47 -8.18 30.42
CA ARG A 313 27.34 -7.93 31.58
C ARG A 313 27.28 -6.43 31.91
N ALA A 314 27.38 -5.61 30.86
CA ALA A 314 27.33 -4.15 31.00
C ALA A 314 26.08 -3.61 31.70
N HIS A 315 24.96 -4.27 31.50
CA HIS A 315 23.82 -3.96 32.35
C HIS A 315 24.06 -4.23 33.84
N GLN A 316 24.69 -5.36 34.17
CA GLN A 316 25.02 -5.67 35.55
C GLN A 316 26.06 -4.67 36.09
N VAL A 317 27.17 -4.56 35.38
CA VAL A 317 28.16 -3.55 35.72
C VAL A 317 27.55 -2.19 36.02
N THR A 318 26.69 -1.70 35.13
CA THR A 318 26.13 -0.34 35.20
C THR A 318 25.26 -0.12 36.42
N TYR A 319 24.35 -1.05 36.64
CA TYR A 319 23.39 -0.88 37.69
C TYR A 319 23.95 -1.36 39.01
N SER A 320 25.16 -1.92 38.97
CA SER A 320 25.98 -2.15 40.17
C SER A 320 26.11 -0.86 41.00
N GLN A 321 26.20 0.27 40.30
CA GLN A 321 26.25 1.62 40.88
C GLN A 321 24.87 2.24 41.13
N SER A 322 23.84 1.44 41.36
CA SER A 322 22.47 1.98 41.40
C SER A 322 22.28 3.07 42.44
N PRO A 323 22.86 2.89 43.63
CA PRO A 323 22.64 3.89 44.67
C PRO A 323 23.25 5.29 44.40
N LYS A 324 24.32 5.37 43.62
CA LYS A 324 24.95 6.65 43.29
C LYS A 324 24.28 7.27 42.09
N ILE A 325 23.59 6.42 41.30
CA ILE A 325 22.68 6.88 40.23
C ILE A 325 21.44 7.55 40.84
N ALA A 326 20.89 6.96 41.88
CA ALA A 326 19.71 7.51 42.57
C ALA A 326 19.96 8.85 43.22
N THR A 327 21.14 9.01 43.82
CA THR A 327 21.50 10.27 44.42
C THR A 327 21.50 11.33 43.32
N LEU A 328 22.20 11.05 42.22
CA LEU A 328 22.38 12.04 41.17
C LEU A 328 21.01 12.45 40.66
N MET A 329 20.09 11.50 40.64
CA MET A 329 18.71 11.79 40.31
C MET A 329 18.14 12.74 41.35
N LYS A 330 18.13 12.32 42.63
CA LYS A 330 17.59 13.16 43.73
C LYS A 330 18.07 14.61 43.59
N SER A 331 19.31 14.76 43.14
CA SER A 331 19.86 16.08 42.88
C SER A 331 19.20 16.73 41.65
N VAL A 332 19.31 16.09 40.46
CA VAL A 332 18.81 16.68 39.21
C VAL A 332 17.37 17.14 39.32
N SER A 333 16.56 16.39 40.06
CA SER A 333 15.19 16.78 40.34
C SER A 333 15.08 17.97 41.29
N THR A 334 15.88 17.98 42.36
CA THR A 334 15.83 19.10 43.32
C THR A 334 16.27 20.40 42.66
N SER A 335 17.28 20.36 41.78
CA SER A 335 17.71 21.57 41.06
C SER A 335 16.66 22.07 40.06
N LEU A 336 15.82 21.15 39.60
CA LEU A 336 14.72 21.48 38.70
C LEU A 336 13.50 21.96 39.43
N GLU A 337 13.26 21.37 40.60
CA GLU A 337 12.18 21.79 41.51
C GLU A 337 12.26 23.32 41.77
N LYS A 338 13.48 23.83 41.93
CA LYS A 338 13.72 25.24 42.23
C LYS A 338 13.95 26.11 40.97
N LYS A 339 13.28 25.74 39.88
CA LYS A 339 13.43 26.39 38.55
C LYS A 339 14.85 26.70 38.10
N GLY A 340 15.80 25.90 38.58
CA GLY A 340 17.19 25.95 38.14
C GLY A 340 17.47 25.03 36.97
N HIS A 341 18.72 25.04 36.51
CA HIS A 341 19.14 24.31 35.31
C HIS A 341 20.12 23.15 35.60
N VAL A 342 20.41 22.34 34.58
CA VAL A 342 21.28 21.18 34.72
C VAL A 342 22.13 21.00 33.49
N TYR A 343 23.42 20.79 33.72
CA TYR A 343 24.36 20.75 32.62
C TYR A 343 25.00 19.39 32.61
N LEU A 344 25.27 18.90 31.39
CA LEU A 344 25.79 17.57 31.18
C LEU A 344 26.99 17.70 30.27
N VAL A 345 28.12 17.89 30.91
CA VAL A 345 29.37 18.12 30.20
C VAL A 345 30.08 16.79 30.07
N GLY A 346 30.49 16.45 28.86
CA GLY A 346 31.18 15.19 28.63
C GLY A 346 32.07 15.22 27.41
N TRP A 347 32.99 14.26 27.31
CA TRP A 347 34.01 14.35 26.29
C TRP A 347 33.76 13.32 25.24
N GLN A 348 34.12 13.66 24.01
CA GLN A 348 34.05 12.71 22.94
C GLN A 348 32.63 12.13 22.87
N THR A 349 32.54 10.94 22.29
CA THR A 349 31.32 10.22 22.11
C THR A 349 30.37 10.36 23.27
N LEU A 350 30.88 10.40 24.49
CA LEU A 350 29.97 10.54 25.63
C LEU A 350 29.34 11.94 25.71
N GLY A 351 30.08 12.95 25.30
CA GLY A 351 29.52 14.28 25.23
C GLY A 351 28.28 14.29 24.37
N ILE A 352 28.33 13.58 23.25
CA ILE A 352 27.20 13.52 22.31
C ILE A 352 25.94 12.90 22.93
N ILE A 353 26.08 11.72 23.53
CA ILE A 353 25.03 11.07 24.34
C ILE A 353 24.46 12.04 25.38
N ALA A 354 25.32 12.88 25.97
CA ALA A 354 24.85 13.91 26.91
C ALA A 354 23.85 14.90 26.23
N ILE A 355 24.19 15.33 25.03
CA ILE A 355 23.38 16.28 24.28
C ILE A 355 22.06 15.65 23.83
N MET A 356 22.18 14.49 23.21
CA MET A 356 21.04 13.75 22.74
C MET A 356 19.99 13.54 23.82
N ASP A 357 20.43 13.29 25.07
CA ASP A 357 19.51 13.10 26.21
C ASP A 357 18.82 14.38 26.64
N GLY A 358 19.60 15.46 26.80
CA GLY A 358 19.02 16.78 27.16
C GLY A 358 17.95 17.27 26.20
N VAL A 359 18.31 17.23 24.93
CA VAL A 359 17.42 17.59 23.85
C VAL A 359 16.21 16.64 23.75
N GLU A 360 16.32 15.41 24.27
CA GLU A 360 15.17 14.52 24.25
C GLU A 360 14.17 14.86 25.34
N CYS A 361 14.61 15.54 26.40
CA CYS A 361 13.68 15.94 27.46
C CYS A 361 12.73 17.06 27.03
N ILE A 362 13.06 17.73 25.94
CA ILE A 362 12.16 18.73 25.36
C ILE A 362 10.82 18.08 25.03
N HIS A 363 10.80 17.20 24.02
CA HIS A 363 9.52 16.67 23.54
C HIS A 363 8.96 15.70 24.55
N THR A 364 9.84 14.93 25.19
CA THR A 364 9.42 13.95 26.20
C THR A 364 8.75 14.56 27.41
N PHE A 365 9.28 15.67 27.92
CA PHE A 365 8.74 16.18 29.16
C PHE A 365 8.26 17.63 29.09
N GLY A 366 8.08 18.14 27.87
CA GLY A 366 7.79 19.55 27.68
C GLY A 366 8.73 20.36 28.56
N ALA A 367 10.03 20.16 28.35
CA ALA A 367 11.07 20.84 29.09
C ALA A 367 11.68 21.86 28.15
N ASP A 368 12.09 23.00 28.71
CA ASP A 368 12.83 24.07 27.98
C ASP A 368 14.22 23.56 27.58
N PHE A 369 14.73 23.99 26.42
CA PHE A 369 16.05 23.51 26.00
C PHE A 369 17.11 23.55 27.13
N ARG A 370 16.93 24.40 28.13
CA ARG A 370 17.96 24.57 29.18
C ARG A 370 17.86 23.67 30.41
N ASP A 371 16.67 23.20 30.78
CA ASP A 371 16.49 22.41 32.03
C ASP A 371 17.48 21.25 32.11
N VAL A 372 17.69 20.57 30.97
CA VAL A 372 18.75 19.56 30.83
C VAL A 372 19.48 19.79 29.50
N ARG A 373 20.65 20.40 29.59
CA ARG A 373 21.43 20.86 28.45
C ARG A 373 22.61 19.87 28.39
N GLY A 374 23.12 19.60 27.20
CA GLY A 374 24.25 18.69 27.03
C GLY A 374 25.36 19.35 26.24
N PHE A 375 26.60 18.88 26.44
CA PHE A 375 27.80 19.65 26.06
C PHE A 375 29.04 18.81 25.72
N LEU A 376 29.49 18.91 24.47
CA LEU A 376 30.72 18.23 23.98
C LEU A 376 32.01 19.11 24.05
N ILE A 377 33.17 18.50 24.33
CA ILE A 377 34.48 19.18 24.22
C ILE A 377 35.42 18.54 23.21
N PHE A 397 26.23 23.37 20.99
CA PHE A 397 26.47 22.07 21.64
C PHE A 397 27.97 21.69 21.71
N THR A 398 28.70 22.05 20.66
CA THR A 398 30.09 21.66 20.49
C THR A 398 31.00 22.81 20.96
N PHE A 399 31.15 22.98 22.28
CA PHE A 399 31.94 24.09 22.83
C PHE A 399 33.24 23.60 23.51
N SER A 400 34.38 23.85 22.85
CA SER A 400 35.72 23.44 23.34
C SER A 400 36.13 24.24 24.59
N GLN A 401 37.33 23.92 25.14
CA GLN A 401 37.69 24.28 26.54
C GLN A 401 37.31 25.70 26.97
N GLU A 402 38.07 26.69 26.51
CA GLU A 402 37.93 28.08 26.98
C GLU A 402 36.69 28.78 26.38
N ASP A 403 36.06 28.16 25.38
CA ASP A 403 34.75 28.66 24.89
C ASP A 403 33.65 28.35 25.91
N PHE A 404 33.80 27.27 26.68
CA PHE A 404 32.85 26.91 27.75
C PHE A 404 33.18 27.61 29.08
N LEU A 405 34.43 28.01 29.26
CA LEU A 405 34.80 28.81 30.42
C LEU A 405 34.24 30.24 30.31
N THR A 406 34.33 30.85 29.13
CA THR A 406 33.74 32.20 28.91
C THR A 406 32.24 32.10 28.74
N SER A 407 31.84 31.38 27.69
CA SER A 407 30.45 31.39 27.20
C SER A 407 29.44 30.98 28.27
N ILE A 408 29.63 29.83 28.90
CA ILE A 408 28.62 29.26 29.82
C ILE A 408 28.93 29.49 31.32
N LEU A 409 30.22 29.53 31.67
CA LEU A 409 30.65 29.52 33.09
C LEU A 409 30.17 30.69 33.97
N PRO A 410 29.88 31.87 33.38
CA PRO A 410 29.50 33.01 34.22
C PRO A 410 28.19 32.84 35.02
N SER A 411 27.14 32.34 34.37
CA SER A 411 25.77 32.42 34.90
C SER A 411 25.19 31.15 35.56
N LEU A 412 26.02 30.39 36.27
CA LEU A 412 25.53 29.23 37.01
C LEU A 412 25.11 29.68 38.40
N THR A 413 24.81 28.77 39.32
CA THR A 413 24.22 29.18 40.61
C THR A 413 24.37 28.10 41.68
N GLU A 414 24.20 28.50 42.95
CA GLU A 414 24.19 27.58 44.10
C GLU A 414 23.33 26.31 43.89
N ILE A 415 22.23 26.46 43.13
CA ILE A 415 21.18 25.43 43.00
C ILE A 415 21.31 24.48 41.80
N ASP A 416 22.15 24.83 40.82
CA ASP A 416 22.33 24.02 39.60
C ASP A 416 23.11 22.72 39.79
N THR A 417 22.95 21.82 38.82
CA THR A 417 23.67 20.56 38.80
C THR A 417 24.47 20.44 37.49
N VAL A 418 25.74 20.08 37.63
CA VAL A 418 26.58 19.76 36.50
C VAL A 418 27.09 18.34 36.65
N VAL A 419 27.11 17.62 35.52
CA VAL A 419 27.61 16.27 35.51
C VAL A 419 28.73 16.17 34.49
N PHE A 420 29.77 15.47 34.89
CA PHE A 420 30.93 15.29 34.05
C PHE A 420 31.08 13.82 33.71
N ILE A 421 31.34 13.61 32.43
CA ILE A 421 31.29 12.31 31.81
C ILE A 421 32.48 12.17 30.88
N PHE A 422 33.36 11.24 31.25
CA PHE A 422 34.67 11.06 30.59
C PHE A 422 35.25 9.68 30.94
N THR A 423 36.17 9.22 30.10
CA THR A 423 36.95 8.04 30.37
C THR A 423 38.27 8.50 30.99
N LEU A 424 38.97 7.58 31.65
CA LEU A 424 40.30 7.89 32.13
C LEU A 424 41.31 7.98 30.98
N ASP A 425 40.89 7.74 29.74
CA ASP A 425 41.76 7.96 28.58
C ASP A 425 41.68 9.36 28.00
N ASP A 426 40.82 10.23 28.55
CA ASP A 426 40.65 11.56 27.96
C ASP A 426 41.66 12.56 28.56
N ASN A 427 41.86 13.65 27.83
CA ASN A 427 42.52 14.84 28.36
C ASN A 427 41.92 15.19 29.74
N LEU A 428 42.39 14.48 30.75
CA LEU A 428 42.02 14.73 32.15
C LEU A 428 42.59 16.02 32.73
N THR A 429 43.48 16.69 31.98
CA THR A 429 43.93 18.05 32.31
C THR A 429 42.82 19.05 31.94
N GLU A 430 42.35 18.96 30.70
CA GLU A 430 41.17 19.69 30.24
C GLU A 430 40.02 19.51 31.25
N VAL A 431 39.89 18.31 31.82
CA VAL A 431 38.83 18.06 32.81
C VAL A 431 39.03 18.85 34.11
N GLN A 432 40.04 18.48 34.89
CA GLN A 432 40.28 19.09 36.20
C GLN A 432 40.15 20.63 36.18
N THR A 433 40.53 21.23 35.04
CA THR A 433 40.44 22.68 34.86
C THR A 433 39.00 23.20 34.99
N ILE A 434 38.06 22.56 34.30
CA ILE A 434 36.69 23.06 34.23
C ILE A 434 35.96 22.77 35.53
N VAL A 435 36.32 21.65 36.14
CA VAL A 435 35.67 21.25 37.38
C VAL A 435 36.08 22.22 38.48
N GLU A 436 37.34 22.64 38.46
CA GLU A 436 37.87 23.64 39.41
C GLU A 436 36.98 24.89 39.48
N GLN A 437 36.83 25.61 38.35
CA GLN A 437 36.04 26.87 38.34
C GLN A 437 34.62 26.62 38.89
N VAL A 438 33.98 25.57 38.39
CA VAL A 438 32.58 25.28 38.71
C VAL A 438 32.36 24.96 40.20
N LYS A 439 33.38 24.48 40.89
CA LYS A 439 33.26 24.22 42.33
C LYS A 439 32.91 25.49 43.15
N GLU A 440 33.46 26.62 42.75
CA GLU A 440 33.14 27.88 43.41
C GLU A 440 31.69 28.28 43.10
N LYS A 441 31.36 28.28 41.80
CA LYS A 441 30.01 28.67 41.31
C LYS A 441 28.90 27.64 41.63
N THR A 442 29.29 26.40 41.92
CA THR A 442 28.34 25.32 42.27
C THR A 442 29.00 24.31 43.21
N ASN A 443 28.22 23.75 44.15
CA ASN A 443 28.68 22.48 44.79
C ASN A 443 27.93 21.20 44.37
N HIS A 444 26.74 21.32 43.79
CA HIS A 444 26.01 20.13 43.32
C HIS A 444 26.61 19.56 42.03
N ILE A 445 27.90 19.24 42.09
CA ILE A 445 28.51 18.45 41.03
C ILE A 445 28.47 16.96 41.43
N GLN A 446 28.61 16.08 40.44
CA GLN A 446 28.80 14.64 40.63
C GLN A 446 29.48 14.24 39.30
N ALA A 447 29.84 12.97 39.13
CA ALA A 447 30.53 12.61 37.88
C ALA A 447 30.42 11.14 37.47
N LEU A 448 30.68 10.92 36.19
CA LEU A 448 30.67 9.59 35.60
C LEU A 448 31.99 9.36 34.89
N ALA A 449 32.72 8.33 35.32
CA ALA A 449 34.00 8.02 34.73
C ALA A 449 34.18 6.53 34.47
N HIS A 450 34.62 6.24 33.26
CA HIS A 450 34.73 4.89 32.81
C HIS A 450 36.18 4.51 32.72
N SER A 451 36.57 3.57 33.57
CA SER A 451 37.96 3.17 33.71
C SER A 451 38.08 1.71 33.38
N THR A 452 39.14 1.35 32.64
CA THR A 452 39.65 -0.02 32.60
C THR A 452 40.16 -0.37 34.01
N VAL A 453 40.35 -1.65 34.33
CA VAL A 453 40.78 -2.03 35.68
C VAL A 453 42.23 -1.60 35.89
N GLY A 454 42.56 -1.15 37.11
CA GLY A 454 43.90 -0.72 37.45
C GLY A 454 44.30 0.66 36.95
N GLN A 455 43.46 1.32 36.15
CA GLN A 455 43.65 2.73 35.81
C GLN A 455 43.32 3.54 37.05
N THR A 456 44.15 4.53 37.35
CA THR A 456 44.04 5.30 38.62
C THR A 456 43.55 6.71 38.41
N LEU A 457 42.89 7.20 39.44
CA LEU A 457 42.17 8.44 39.41
C LEU A 457 43.13 9.53 39.93
N PRO A 458 43.77 10.33 39.03
CA PRO A 458 44.59 11.43 39.56
C PRO A 458 43.96 12.07 40.80
N ILE A 459 44.76 12.27 41.85
CA ILE A 459 44.28 12.72 43.17
C ILE A 459 43.60 14.13 43.26
N PRO A 460 43.92 15.08 42.35
CA PRO A 460 43.11 16.32 42.36
C PRO A 460 41.62 16.03 42.15
N LEU A 461 41.31 15.32 41.07
CA LEU A 461 39.94 14.93 40.70
C LEU A 461 39.25 14.17 41.84
N LYS A 462 39.85 13.05 42.25
CA LYS A 462 39.36 12.23 43.36
C LYS A 462 38.76 13.09 44.48
N LYS A 463 39.53 14.08 44.95
CA LYS A 463 39.12 14.88 46.12
C LYS A 463 37.97 15.82 45.80
N LEU A 464 37.86 16.24 44.54
CA LEU A 464 36.74 17.06 44.07
C LEU A 464 35.38 16.32 44.19
N PHE A 465 35.36 15.03 43.82
CA PHE A 465 34.14 14.19 43.95
C PHE A 465 34.24 13.15 45.09
N PRO A 466 33.68 13.47 46.27
CA PRO A 466 33.60 12.41 47.30
C PRO A 466 32.84 11.15 46.86
N SER A 467 31.52 11.25 46.66
CA SER A 467 30.67 10.08 46.34
C SER A 467 30.56 9.76 44.84
N ILE A 468 31.72 9.67 44.18
CA ILE A 468 31.77 9.52 42.73
C ILE A 468 31.14 8.22 42.20
N ILE A 469 30.82 8.27 40.90
CA ILE A 469 30.36 7.13 40.12
C ILE A 469 31.46 6.78 39.14
N SER A 470 32.07 5.62 39.32
CA SER A 470 33.04 5.10 38.37
C SER A 470 32.61 3.70 37.94
N ILE A 471 32.82 3.41 36.66
CA ILE A 471 32.61 2.09 36.19
C ILE A 471 33.94 1.58 35.65
N THR A 472 34.31 0.41 36.17
CA THR A 472 35.52 -0.26 35.82
C THR A 472 35.18 -1.43 34.92
N TRP A 473 35.79 -1.44 33.74
CA TRP A 473 35.62 -2.53 32.78
C TRP A 473 36.72 -3.62 32.91
N PRO A 474 36.37 -4.79 33.47
CA PRO A 474 37.28 -5.91 33.32
C PRO A 474 37.91 -5.96 31.92
N LEU A 475 39.22 -6.24 31.85
CA LEU A 475 39.92 -6.33 30.56
C LEU A 475 39.23 -7.30 29.60
N LEU A 476 39.31 -7.00 28.29
CA LEU A 476 38.80 -7.87 27.22
C LEU A 476 39.83 -8.00 26.10
N PHE A 477 39.90 -9.19 25.49
CA PHE A 477 40.87 -9.46 24.42
C PHE A 477 40.50 -8.78 23.09
N PHE A 478 40.73 -7.47 23.06
CA PHE A 478 40.29 -6.61 21.96
C PHE A 478 41.05 -6.80 20.63
N GLU A 479 40.28 -6.83 19.56
CA GLU A 479 40.79 -7.14 18.24
C GLU A 479 41.37 -5.83 17.67
N TYR A 480 40.48 -4.94 17.22
CA TYR A 480 40.84 -3.83 16.34
C TYR A 480 41.61 -2.68 16.97
N GLU A 481 42.14 -1.86 16.07
CA GLU A 481 42.75 -0.57 16.35
C GLU A 481 42.23 0.13 17.63
N GLY A 482 41.03 0.71 17.56
CA GLY A 482 40.51 1.62 18.59
C GLY A 482 39.61 1.04 19.68
N ASN A 483 39.62 -0.29 19.81
CA ASN A 483 38.91 -0.99 20.88
C ASN A 483 37.40 -0.66 20.92
N PHE A 484 36.79 -0.83 19.77
CA PHE A 484 35.42 -0.37 19.54
C PHE A 484 34.48 -0.98 20.55
N ILE A 485 34.67 -2.25 20.85
CA ILE A 485 33.83 -2.92 21.82
C ILE A 485 33.88 -2.24 23.21
N GLN A 486 35.01 -1.65 23.59
CA GLN A 486 35.00 -0.85 24.80
C GLN A 486 34.24 0.47 24.60
N LYS A 487 34.23 0.95 23.35
CA LYS A 487 33.39 2.10 23.01
C LYS A 487 31.91 1.77 23.23
N PHE A 488 31.45 0.71 22.56
CA PHE A 488 30.03 0.41 22.59
C PHE A 488 29.59 0.19 24.01
N GLN A 489 30.39 -0.52 24.76
CA GLN A 489 30.17 -0.61 26.21
C GLN A 489 29.96 0.73 26.82
N ARG A 490 30.92 1.62 26.63
CA ARG A 490 30.90 2.87 27.38
C ARG A 490 29.67 3.75 27.07
N GLU A 491 29.39 3.92 25.77
CA GLU A 491 28.22 4.65 25.29
C GLU A 491 26.96 4.18 25.97
N LEU A 492 26.70 2.86 25.84
CA LEU A 492 25.49 2.25 26.36
C LEU A 492 25.32 2.49 27.84
N SER A 493 26.39 2.25 28.57
CA SER A 493 26.36 2.37 30.01
C SER A 493 25.92 3.78 30.39
N THR A 494 26.45 4.77 29.65
CA THR A 494 26.14 6.21 29.85
C THR A 494 24.66 6.50 29.57
N LYS A 495 24.24 6.17 28.33
CA LYS A 495 22.82 6.25 27.93
C LYS A 495 21.90 5.68 28.97
N TRP A 496 22.24 4.50 29.47
CA TRP A 496 21.44 3.95 30.54
C TRP A 496 21.38 4.90 31.71
N VAL A 497 22.52 5.41 32.15
CA VAL A 497 22.53 6.24 33.36
C VAL A 497 21.75 7.50 33.11
N LEU A 498 22.15 8.24 32.08
CA LEU A 498 21.46 9.46 31.71
C LEU A 498 19.96 9.29 31.43
N ASN A 499 19.59 8.38 30.53
CA ASN A 499 18.16 8.10 30.26
C ASN A 499 17.44 7.96 31.58
N THR A 500 18.02 7.15 32.48
CA THR A 500 17.44 6.87 33.79
C THR A 500 17.37 8.13 34.63
N VAL A 501 18.43 8.96 34.60
CA VAL A 501 18.44 10.14 35.48
C VAL A 501 17.38 11.13 35.03
N SER A 502 17.58 11.71 33.84
CA SER A 502 16.63 12.65 33.25
C SER A 502 15.19 12.18 33.42
N THR A 503 14.97 10.93 33.05
CA THR A 503 13.62 10.37 33.04
C THR A 503 13.02 10.29 34.43
N GLY A 504 13.74 9.68 35.36
CA GLY A 504 13.24 9.56 36.75
C GLY A 504 13.17 10.90 37.50
N ALA A 505 14.13 11.78 37.22
CA ALA A 505 14.11 13.11 37.76
C ALA A 505 12.73 13.71 37.54
N HIS A 506 12.30 13.73 36.28
CA HIS A 506 10.98 14.33 35.95
C HIS A 506 9.83 13.66 36.66
N VAL A 507 9.93 12.36 36.86
CA VAL A 507 8.89 11.59 37.51
C VAL A 507 8.76 12.09 38.94
N LEU A 508 9.89 12.15 39.62
CA LEU A 508 9.95 12.68 40.99
C LEU A 508 9.17 14.00 41.13
N LEU A 509 9.22 14.80 40.06
CA LEU A 509 8.51 16.08 39.97
C LEU A 509 7.03 16.01 39.65
N GLY A 510 6.42 14.82 39.67
CA GLY A 510 4.98 14.66 39.38
C GLY A 510 4.50 14.83 37.92
N LYS A 511 5.42 14.95 36.96
CA LYS A 511 5.03 15.17 35.57
C LYS A 511 4.44 13.94 34.84
N ILE A 512 4.57 12.76 35.43
CA ILE A 512 4.14 11.47 34.87
C ILE A 512 2.92 11.00 35.60
N LEU A 513 2.02 10.35 34.88
CA LEU A 513 0.76 9.83 35.45
C LEU A 513 0.75 8.31 35.37
N GLN A 514 0.82 7.66 36.53
CA GLN A 514 1.14 6.22 36.61
C GLN A 514 2.44 5.95 35.81
N ASN A 515 2.39 5.23 34.68
CA ASN A 515 3.58 5.10 33.81
C ASN A 515 3.35 5.69 32.43
N HIS A 516 2.50 6.71 32.37
CA HIS A 516 2.20 7.37 31.09
C HIS A 516 2.54 8.84 31.19
N MET A 517 3.01 9.42 30.10
CA MET A 517 3.17 10.87 30.00
C MET A 517 1.93 11.47 29.34
N LEU A 518 1.01 11.99 30.13
CA LEU A 518 -0.25 12.45 29.56
C LEU A 518 -0.11 13.75 28.78
N ASP A 519 0.76 14.65 29.23
CA ASP A 519 0.73 16.00 28.74
C ASP A 519 1.80 16.24 27.67
N LEU A 520 1.80 15.41 26.65
CA LEU A 520 2.76 15.56 25.57
C LEU A 520 2.24 16.50 24.53
N ARG A 521 3.15 17.15 23.84
CA ARG A 521 2.83 17.98 22.74
C ARG A 521 2.63 17.02 21.59
N ILE A 522 1.51 17.19 20.91
CA ILE A 522 1.24 16.38 19.75
C ILE A 522 2.01 17.01 18.65
N SER A 523 3.05 16.34 18.16
CA SER A 523 3.85 16.87 17.04
C SER A 523 4.03 15.96 15.83
N ASN A 524 3.42 14.78 15.89
CA ASN A 524 3.29 13.94 14.71
C ASN A 524 2.10 13.04 14.87
N SER A 525 1.86 12.23 13.85
CA SER A 525 0.72 11.33 13.84
C SER A 525 0.76 10.24 14.90
N LYS A 526 1.94 9.68 15.15
CA LYS A 526 2.08 8.69 16.26
C LYS A 526 1.63 9.25 17.59
N LEU A 527 2.02 10.48 17.85
CA LEU A 527 1.84 11.12 19.14
C LEU A 527 0.36 11.41 19.22
N PHE A 528 -0.23 11.72 18.07
CA PHE A 528 -1.65 11.96 18.02
C PHE A 528 -2.39 10.69 18.39
N TRP A 529 -1.92 9.56 17.93
CA TRP A 529 -2.63 8.33 18.26
C TRP A 529 -2.41 7.95 19.71
N ARG A 530 -1.19 8.17 20.24
CA ARG A 530 -0.95 7.92 21.66
C ARG A 530 -1.88 8.78 22.50
N ALA A 531 -1.97 10.06 22.16
CA ALA A 531 -2.86 10.96 22.90
C ALA A 531 -4.26 10.35 22.98
N LEU A 532 -4.78 9.97 21.84
CA LEU A 532 -6.12 9.40 21.79
C LEU A 532 -6.23 8.09 22.57
N ALA A 533 -5.22 7.22 22.49
CA ALA A 533 -5.29 5.97 23.26
C ALA A 533 -5.23 6.24 24.76
N MET A 534 -4.48 7.25 25.14
CA MET A 534 -4.44 7.65 26.56
C MET A 534 -5.78 8.19 27.03
N LEU A 535 -6.46 8.95 26.17
CA LEU A 535 -7.81 9.40 26.55
C LEU A 535 -8.78 8.25 26.71
N GLN A 536 -8.72 7.25 25.85
CA GLN A 536 -9.56 6.07 26.02
C GLN A 536 -9.20 5.31 27.28
N ARG A 537 -7.91 5.03 27.47
CA ARG A 537 -7.45 4.32 28.67
C ARG A 537 -7.86 5.02 29.97
N PHE A 538 -7.71 6.32 30.02
CA PHE A 538 -7.87 7.03 31.27
C PHE A 538 -9.30 7.43 31.55
N SER A 539 -10.07 7.82 30.52
CA SER A 539 -11.51 8.15 30.69
C SER A 539 -12.34 6.90 30.72
N GLY A 540 -12.01 5.96 29.85
CA GLY A 540 -12.71 4.70 29.79
C GLY A 540 -14.01 4.89 29.04
N GLN A 541 -14.14 6.04 28.37
CA GLN A 541 -15.33 6.35 27.54
C GLN A 541 -15.09 5.99 26.09
N SER A 542 -16.11 6.10 25.25
CA SER A 542 -16.05 5.53 23.90
C SER A 542 -15.07 6.31 23.05
N LYS A 543 -14.68 5.71 21.94
CA LYS A 543 -13.68 6.29 21.11
C LYS A 543 -14.21 7.53 20.44
N ALA A 544 -15.49 7.49 20.10
CA ALA A 544 -16.12 8.62 19.41
C ALA A 544 -16.14 9.84 20.31
N ARG A 545 -16.40 9.63 21.59
CA ARG A 545 -16.42 10.72 22.55
C ARG A 545 -15.01 11.25 22.82
N CYS A 546 -14.05 10.33 22.92
CA CYS A 546 -12.66 10.68 23.06
C CYS A 546 -12.18 11.51 21.82
N ILE A 547 -12.48 11.03 20.62
CA ILE A 547 -12.07 11.76 19.42
C ILE A 547 -12.61 13.19 19.39
N GLU A 548 -13.87 13.32 19.74
CA GLU A 548 -14.54 14.61 19.74
C GLU A 548 -13.91 15.55 20.76
N SER A 549 -13.72 15.05 21.97
CA SER A 549 -13.16 15.90 22.99
C SER A 549 -11.73 16.34 22.65
N LEU A 550 -10.94 15.41 22.12
CA LEU A 550 -9.57 15.71 21.72
C LEU A 550 -9.54 16.69 20.55
N LEU A 551 -10.40 16.48 19.57
CA LEU A 551 -10.40 17.37 18.43
C LEU A 551 -10.96 18.76 18.75
N ARG A 552 -11.95 18.82 19.65
CA ARG A 552 -12.43 20.09 20.21
C ARG A 552 -11.27 20.79 20.92
N ALA A 553 -10.64 20.07 21.85
CA ALA A 553 -9.51 20.61 22.61
C ALA A 553 -8.46 21.23 21.68
N ILE A 554 -8.11 20.47 20.64
CA ILE A 554 -7.16 20.96 19.66
C ILE A 554 -7.65 22.21 19.00
N HIS A 555 -8.85 22.15 18.44
CA HIS A 555 -9.30 23.18 17.52
C HIS A 555 -9.94 24.41 18.11
N PHE A 556 -10.28 24.33 19.40
CA PHE A 556 -10.78 25.49 20.13
C PHE A 556 -9.99 26.76 19.78
N PRO A 557 -10.69 27.87 19.53
CA PRO A 557 -12.13 28.16 19.71
C PRO A 557 -13.06 27.69 18.61
N GLN A 558 -12.56 27.01 17.57
CA GLN A 558 -13.45 26.58 16.51
C GLN A 558 -14.21 25.35 17.01
N PRO A 559 -15.47 25.23 16.63
CA PRO A 559 -16.21 24.02 16.95
C PRO A 559 -16.06 22.95 15.86
N LEU A 560 -16.25 21.70 16.24
CA LEU A 560 -16.29 20.61 15.28
C LEU A 560 -17.20 20.89 14.13
N SER A 561 -16.63 21.10 12.96
CA SER A 561 -17.35 21.07 11.72
C SER A 561 -17.08 19.73 11.07
N ASP A 562 -17.66 19.51 9.89
CA ASP A 562 -17.48 18.29 9.14
C ASP A 562 -16.08 18.23 8.50
N ASP A 563 -15.56 19.37 8.03
CA ASP A 563 -14.20 19.46 7.46
C ASP A 563 -13.16 18.99 8.47
N ILE A 564 -13.27 19.51 9.69
CA ILE A 564 -12.43 19.15 10.81
C ILE A 564 -12.57 17.66 11.16
N ARG A 565 -13.80 17.17 11.25
CA ARG A 565 -13.98 15.74 11.53
C ARG A 565 -13.32 14.82 10.49
N ALA A 566 -13.30 15.24 9.22
CA ALA A 566 -12.81 14.43 8.10
C ALA A 566 -11.40 14.85 7.70
N ALA A 567 -10.85 15.80 8.40
CA ALA A 567 -9.53 16.28 8.06
C ALA A 567 -8.51 15.15 8.30
N PRO A 568 -7.43 15.14 7.50
CA PRO A 568 -6.33 14.21 7.72
C PRO A 568 -5.61 14.53 9.02
N ILE A 569 -4.97 13.53 9.62
CA ILE A 569 -4.42 13.68 10.96
C ILE A 569 -3.34 14.77 11.02
N SER A 570 -2.58 14.99 9.94
CA SER A 570 -1.58 16.07 9.96
C SER A 570 -2.11 17.43 10.33
N CYS A 571 -3.35 17.72 9.96
CA CYS A 571 -3.95 19.02 10.22
C CYS A 571 -4.23 19.18 11.73
N HIS A 572 -4.73 18.12 12.37
CA HIS A 572 -4.79 18.19 13.84
C HIS A 572 -3.36 18.41 14.41
N VAL A 573 -2.39 17.69 13.86
CA VAL A 573 -1.06 17.73 14.42
C VAL A 573 -0.60 19.19 14.36
N GLN A 574 -0.54 19.71 13.13
CA GLN A 574 -0.18 21.10 12.85
C GLN A 574 -0.72 22.11 13.82
N VAL A 575 -2.00 21.97 14.15
CA VAL A 575 -2.65 22.88 15.07
C VAL A 575 -2.36 22.56 16.53
N ALA A 576 -2.45 21.30 16.94
CA ALA A 576 -2.06 20.89 18.31
C ALA A 576 -0.61 21.23 18.68
N HIS A 577 0.29 21.09 17.72
CA HIS A 577 1.71 21.25 17.96
C HIS A 577 2.01 22.60 18.59
N GLU A 578 1.15 23.55 18.26
CA GLU A 578 1.32 24.92 18.72
C GLU A 578 0.65 25.20 20.07
N LYS A 579 0.04 24.21 20.71
CA LYS A 579 -0.84 24.52 21.84
C LYS A 579 -0.38 23.82 23.08
N GLU A 580 -0.90 24.23 24.24
CA GLU A 580 -0.44 23.77 25.56
C GLU A 580 -1.55 23.10 26.35
N GLN A 581 -1.23 22.00 27.03
CA GLN A 581 -2.16 21.30 27.91
C GLN A 581 -3.34 20.65 27.17
N VAL A 582 -3.25 20.59 25.85
CA VAL A 582 -4.28 20.00 25.02
C VAL A 582 -4.82 18.69 25.60
N ILE A 583 -3.96 17.72 25.84
CA ILE A 583 -4.46 16.43 26.23
C ILE A 583 -5.20 16.50 27.56
N PRO A 584 -4.58 17.08 28.59
CA PRO A 584 -5.29 17.29 29.87
C PRO A 584 -6.67 17.97 29.78
N ILE A 585 -6.76 19.04 28.99
CA ILE A 585 -8.02 19.73 28.83
C ILE A 585 -9.06 18.81 28.18
N ALA A 586 -8.64 18.01 27.22
CA ALA A 586 -9.54 17.06 26.62
C ALA A 586 -9.94 15.99 27.64
N LEU A 587 -9.00 15.53 28.45
CA LEU A 587 -9.38 14.52 29.43
C LEU A 587 -10.39 15.10 30.44
N LEU A 588 -10.15 16.32 30.88
CA LEU A 588 -11.09 16.92 31.83
C LEU A 588 -12.48 17.11 31.22
N SER A 589 -12.56 17.60 29.98
CA SER A 589 -13.85 17.73 29.32
C SER A 589 -14.60 16.42 29.44
N LEU A 590 -13.94 15.32 29.13
CA LEU A 590 -14.54 14.00 29.24
C LEU A 590 -14.94 13.61 30.64
N LEU A 591 -14.08 13.89 31.63
CA LEU A 591 -14.37 13.47 33.01
C LEU A 591 -15.60 14.18 33.62
N PHE A 592 -15.59 15.51 33.63
CA PHE A 592 -16.74 16.27 34.12
C PHE A 592 -17.93 16.27 33.13
N ARG A 593 -17.73 15.69 31.96
CA ARG A 593 -18.73 15.73 30.91
C ARG A 593 -19.17 17.13 30.70
N CYS A 594 -18.19 18.01 30.53
CA CYS A 594 -18.42 19.44 30.32
C CYS A 594 -17.82 19.88 29.02
N SER A 595 -17.96 21.17 28.70
CA SER A 595 -17.36 21.72 27.51
C SER A 595 -15.89 22.14 27.76
N ILE A 596 -15.21 22.49 26.68
CA ILE A 596 -13.86 22.96 26.73
C ILE A 596 -13.79 24.21 27.56
N THR A 597 -14.68 25.17 27.28
CA THR A 597 -14.70 26.44 28.03
C THR A 597 -14.74 26.15 29.51
N GLU A 598 -15.58 25.20 29.92
CA GLU A 598 -15.73 24.93 31.35
C GLU A 598 -14.50 24.21 31.92
N ALA A 599 -13.84 23.43 31.08
CA ALA A 599 -12.65 22.67 31.50
C ALA A 599 -11.39 23.54 31.64
N GLN A 600 -11.17 24.45 30.69
CA GLN A 600 -10.13 25.47 30.81
C GLN A 600 -10.22 26.29 32.11
N ALA A 601 -11.44 26.72 32.40
CA ALA A 601 -11.69 27.60 33.53
C ALA A 601 -11.47 26.82 34.81
N HIS A 602 -11.67 25.50 34.74
CA HIS A 602 -11.36 24.67 35.89
C HIS A 602 -9.85 24.54 36.07
N LEU A 603 -9.16 24.26 34.98
CA LEU A 603 -7.73 24.03 34.99
C LEU A 603 -6.94 25.28 35.39
N ALA A 604 -7.40 26.45 34.96
CA ALA A 604 -6.81 27.70 35.43
C ALA A 604 -7.01 27.91 36.93
N ALA A 605 -8.10 27.38 37.49
CA ALA A 605 -8.39 27.51 38.93
C ALA A 605 -7.80 26.40 39.79
N ALA A 606 -6.90 25.59 39.23
CA ALA A 606 -6.22 24.59 40.02
C ALA A 606 -4.75 25.00 40.26
N PRO A 607 -4.15 24.50 41.36
CA PRO A 607 -2.72 24.80 41.61
C PRO A 607 -1.84 24.36 40.43
N SER A 608 -1.93 23.08 40.06
CA SER A 608 -1.17 22.54 38.92
C SER A 608 -2.00 21.63 38.02
N VAL A 609 -1.41 21.32 36.87
CA VAL A 609 -1.99 20.39 35.91
C VAL A 609 -2.08 18.97 36.50
N CYS A 610 -0.95 18.43 36.97
CA CYS A 610 -0.94 17.13 37.64
C CYS A 610 -2.10 17.02 38.64
N GLU A 611 -2.19 17.98 39.56
CA GLU A 611 -3.17 17.93 40.63
C GLU A 611 -4.57 17.98 40.07
N ALA A 612 -4.78 18.87 39.10
CA ALA A 612 -6.11 19.02 38.51
C ALA A 612 -6.59 17.71 37.92
N VAL A 613 -5.74 17.09 37.09
CA VAL A 613 -6.05 15.81 36.46
C VAL A 613 -6.26 14.72 37.51
N ARG A 614 -5.26 14.54 38.38
CA ARG A 614 -5.37 13.63 39.53
C ARG A 614 -6.69 13.75 40.33
N SER A 615 -7.06 14.97 40.75
CA SER A 615 -8.34 15.19 41.46
C SER A 615 -9.43 14.64 40.59
N ALA A 616 -9.56 15.19 39.40
CA ALA A 616 -10.63 14.77 38.48
C ALA A 616 -10.70 13.26 38.30
N LEU A 617 -9.57 12.57 38.42
CA LEU A 617 -9.60 11.10 38.32
C LEU A 617 -10.08 10.37 39.58
N ALA A 618 -10.55 11.10 40.60
CA ALA A 618 -11.22 10.49 41.78
C ALA A 618 -12.53 11.20 42.18
N MET B 13 -2.97 -20.99 10.39
CA MET B 13 -2.12 -22.06 9.77
C MET B 13 -1.43 -21.46 8.55
N PRO B 14 -0.56 -22.24 7.86
CA PRO B 14 -0.18 -21.88 6.50
C PRO B 14 -1.43 -21.74 5.59
N GLY B 15 -1.45 -20.72 4.74
CA GLY B 15 -2.68 -20.18 4.18
C GLY B 15 -3.08 -18.96 5.00
N THR B 16 -4.25 -19.01 5.64
CA THR B 16 -4.76 -17.95 6.54
C THR B 16 -4.48 -16.52 6.09
N LYS B 17 -3.24 -16.03 6.27
CA LYS B 17 -2.87 -14.69 5.78
C LYS B 17 -3.20 -14.59 4.30
N ARG B 18 -2.75 -15.58 3.53
CA ARG B 18 -3.04 -15.69 2.10
C ARG B 18 -4.51 -15.65 1.66
N PHE B 19 -5.41 -16.02 2.55
CA PHE B 19 -6.82 -16.07 2.25
C PHE B 19 -7.67 -15.41 3.35
N GLN B 20 -7.09 -14.54 4.19
CA GLN B 20 -7.87 -14.02 5.33
C GLN B 20 -8.89 -13.02 4.86
N HIS B 21 -8.61 -12.39 3.73
CA HIS B 21 -9.47 -11.36 3.15
C HIS B 21 -10.66 -11.94 2.37
N VAL B 22 -10.72 -13.26 2.22
CA VAL B 22 -11.83 -13.89 1.53
C VAL B 22 -12.98 -14.04 2.52
N ILE B 23 -14.14 -13.55 2.15
CA ILE B 23 -15.24 -13.59 3.07
C ILE B 23 -15.71 -15.03 3.17
N GLU B 24 -15.85 -15.48 4.42
CA GLU B 24 -16.39 -16.78 4.70
C GLU B 24 -17.74 -16.98 4.00
N THR B 25 -18.00 -18.22 3.59
CA THR B 25 -19.24 -18.60 2.94
C THR B 25 -20.33 -18.28 3.94
N PRO B 26 -21.46 -17.72 3.49
CA PRO B 26 -22.62 -17.64 4.38
C PRO B 26 -23.20 -19.02 4.64
N GLU B 27 -24.34 -19.06 5.34
CA GLU B 27 -25.07 -20.29 5.59
C GLU B 27 -26.34 -20.25 4.76
N PRO B 28 -26.95 -21.41 4.49
CA PRO B 28 -28.10 -21.39 3.57
C PRO B 28 -29.19 -20.40 3.98
N GLY B 29 -29.66 -19.59 3.02
CA GLY B 29 -30.67 -18.58 3.29
C GLY B 29 -30.17 -17.34 4.01
N LYS B 30 -28.86 -17.27 4.29
CA LYS B 30 -28.30 -16.17 5.07
C LYS B 30 -27.35 -15.31 4.25
N TRP B 31 -27.30 -15.51 2.93
CA TRP B 31 -26.39 -14.76 2.06
C TRP B 31 -26.71 -13.26 2.21
N GLU B 32 -27.85 -12.86 1.67
CA GLU B 32 -28.70 -11.81 2.23
C GLU B 32 -28.25 -11.20 3.60
N LEU B 33 -28.57 -11.84 4.74
CA LEU B 33 -28.35 -11.27 6.10
C LEU B 33 -26.90 -11.22 6.56
N SER B 34 -26.07 -12.10 6.00
CA SER B 34 -24.68 -12.11 6.37
C SER B 34 -24.01 -10.77 6.05
N GLY B 35 -24.59 -9.96 5.14
CA GLY B 35 -23.96 -8.71 4.66
C GLY B 35 -23.03 -8.98 3.47
N TYR B 36 -23.08 -10.22 2.97
CA TYR B 36 -22.16 -10.73 1.96
C TYR B 36 -22.52 -10.23 0.55
N GLU B 37 -23.77 -10.45 0.12
CA GLU B 37 -24.25 -9.97 -1.19
C GLU B 37 -23.85 -8.53 -1.44
N ALA B 38 -24.16 -7.67 -0.48
CA ALA B 38 -23.86 -6.25 -0.56
C ALA B 38 -22.40 -5.99 -0.67
N ALA B 39 -21.59 -6.96 -0.28
CA ALA B 39 -20.16 -6.85 -0.42
C ALA B 39 -19.62 -7.44 -1.75
N VAL B 40 -20.41 -8.27 -2.44
CA VAL B 40 -19.97 -8.80 -3.74
C VAL B 40 -19.84 -7.59 -4.62
N PRO B 41 -18.68 -7.37 -5.22
CA PRO B 41 -18.52 -6.14 -6.04
C PRO B 41 -19.45 -6.09 -7.28
N ILE B 42 -19.91 -4.90 -7.63
CA ILE B 42 -20.94 -4.81 -8.70
C ILE B 42 -20.47 -5.53 -9.96
N THR B 43 -19.19 -5.37 -10.31
CA THR B 43 -18.67 -5.93 -11.55
C THR B 43 -18.63 -7.41 -11.53
N GLU B 44 -18.76 -8.01 -10.35
CA GLU B 44 -18.76 -9.46 -10.21
C GLU B 44 -20.11 -10.03 -9.91
N LYS B 45 -21.09 -9.25 -9.50
CA LYS B 45 -22.37 -9.86 -9.08
C LYS B 45 -23.05 -10.67 -10.20
N SER B 46 -23.83 -11.64 -9.76
CA SER B 46 -24.88 -12.22 -10.56
C SER B 46 -25.89 -11.15 -10.89
N ASN B 47 -26.25 -11.01 -12.17
CA ASN B 47 -27.27 -10.04 -12.52
C ASN B 47 -28.61 -10.71 -12.37
N PRO B 48 -29.45 -10.24 -11.44
CA PRO B 48 -30.74 -10.95 -11.26
C PRO B 48 -31.57 -11.09 -12.54
N LEU B 49 -31.40 -10.19 -13.50
CA LEU B 49 -32.08 -10.37 -14.78
C LEU B 49 -31.67 -11.67 -15.51
N THR B 50 -30.41 -12.08 -15.38
CA THR B 50 -29.92 -13.21 -16.16
C THR B 50 -29.84 -14.49 -15.35
N GLN B 51 -30.53 -14.54 -14.23
CA GLN B 51 -30.49 -15.74 -13.39
C GLN B 51 -30.81 -17.05 -14.13
N ASP B 52 -31.67 -17.01 -15.14
CA ASP B 52 -32.05 -18.23 -15.88
C ASP B 52 -31.64 -18.10 -17.32
N LEU B 53 -30.47 -17.52 -17.54
CA LEU B 53 -29.93 -17.34 -18.86
C LEU B 53 -29.72 -18.70 -19.47
N ASP B 54 -29.11 -19.60 -18.69
CA ASP B 54 -28.89 -20.97 -19.15
C ASP B 54 -30.13 -21.71 -19.65
N LYS B 55 -31.33 -21.18 -19.34
CA LYS B 55 -32.58 -21.84 -19.71
C LYS B 55 -33.47 -20.96 -20.59
N ALA B 56 -32.87 -19.95 -21.22
CA ALA B 56 -33.55 -19.02 -22.12
C ALA B 56 -33.25 -19.31 -23.59
N ASP B 57 -34.23 -19.04 -24.46
CA ASP B 57 -34.02 -19.15 -25.92
C ASP B 57 -33.33 -17.90 -26.48
N ALA B 58 -32.90 -17.97 -27.73
CA ALA B 58 -32.05 -16.92 -28.31
C ALA B 58 -32.75 -15.56 -28.29
N GLU B 59 -34.04 -15.55 -28.59
CA GLU B 59 -34.78 -14.29 -28.64
C GLU B 59 -34.81 -13.65 -27.24
N ASN B 60 -34.99 -14.48 -26.20
CA ASN B 60 -34.91 -14.02 -24.81
C ASN B 60 -33.52 -13.58 -24.35
N ILE B 61 -32.48 -14.28 -24.82
CA ILE B 61 -31.09 -13.88 -24.51
C ILE B 61 -30.86 -12.48 -25.01
N VAL B 62 -31.30 -12.20 -26.22
CA VAL B 62 -31.10 -10.88 -26.83
C VAL B 62 -31.85 -9.83 -26.00
N ARG B 63 -33.05 -10.22 -25.61
CA ARG B 63 -33.88 -9.40 -24.81
C ARG B 63 -33.21 -9.10 -23.44
N LEU B 64 -32.63 -10.12 -22.81
CA LEU B 64 -32.04 -9.92 -21.46
C LEU B 64 -30.78 -9.08 -21.54
N LEU B 65 -29.94 -9.37 -22.52
CA LEU B 65 -28.68 -8.65 -22.60
C LEU B 65 -28.96 -7.23 -22.97
N GLY B 66 -30.08 -7.03 -23.68
CA GLY B 66 -30.50 -5.69 -24.05
C GLY B 66 -30.75 -4.92 -22.79
N GLN B 67 -31.48 -5.54 -21.88
CA GLN B 67 -31.77 -4.90 -20.63
C GLN B 67 -30.51 -4.63 -19.85
N CYS B 68 -29.62 -5.62 -19.72
CA CYS B 68 -28.34 -5.38 -18.99
C CYS B 68 -27.61 -4.13 -19.53
N ASP B 69 -27.51 -4.01 -20.85
CA ASP B 69 -26.75 -2.92 -21.47
C ASP B 69 -27.48 -1.60 -21.28
N ALA B 70 -28.80 -1.68 -21.22
CA ALA B 70 -29.60 -0.50 -20.94
C ALA B 70 -29.23 0.11 -19.59
N GLU B 71 -28.84 -0.75 -18.63
CA GLU B 71 -28.60 -0.30 -17.26
C GLU B 71 -27.46 0.71 -17.23
N ILE B 72 -26.63 0.71 -18.26
CA ILE B 72 -25.58 1.71 -18.33
C ILE B 72 -26.18 3.11 -18.13
N PHE B 73 -27.38 3.30 -18.69
CA PHE B 73 -28.06 4.61 -18.84
C PHE B 73 -29.13 4.93 -17.80
N GLN B 74 -29.55 3.94 -17.02
CA GLN B 74 -30.36 4.22 -15.79
C GLN B 74 -29.87 5.35 -14.92
N GLU B 75 -30.83 6.15 -14.47
CA GLU B 75 -30.53 7.19 -13.52
C GLU B 75 -30.54 6.63 -12.10
N GLU B 76 -29.84 7.34 -11.23
CA GLU B 76 -29.67 6.87 -9.85
C GLU B 76 -31.03 6.78 -9.21
N GLY B 77 -31.30 5.71 -8.46
CA GLY B 77 -32.54 5.57 -7.68
C GLY B 77 -32.42 6.24 -6.30
N GLN B 78 -33.14 5.71 -5.31
CA GLN B 78 -33.14 6.27 -3.92
C GLN B 78 -33.26 5.24 -2.81
N SER B 81 -28.54 3.36 -0.13
CA SER B 81 -28.57 2.09 -0.89
C SER B 81 -27.91 2.19 -2.28
N THR B 82 -28.18 3.29 -2.97
CA THR B 82 -27.79 3.44 -4.37
C THR B 82 -26.42 4.05 -4.52
N TYR B 83 -25.76 3.61 -5.58
CA TYR B 83 -24.44 4.08 -5.94
C TYR B 83 -24.61 5.11 -7.05
N GLN B 84 -23.70 6.08 -7.10
CA GLN B 84 -23.75 7.07 -8.13
C GLN B 84 -23.74 6.33 -9.47
N ARG B 85 -24.32 6.96 -10.50
CA ARG B 85 -24.50 6.36 -11.80
C ARG B 85 -24.15 7.34 -12.90
N LEU B 86 -24.20 6.84 -14.12
CA LEU B 86 -23.68 7.60 -15.27
C LEU B 86 -24.28 9.00 -15.45
N TYR B 87 -25.54 9.17 -15.08
CA TYR B 87 -26.16 10.48 -15.26
C TYR B 87 -26.15 11.31 -14.00
N SER B 88 -25.69 10.73 -12.90
CA SER B 88 -25.64 11.45 -11.63
C SER B 88 -24.76 12.69 -11.74
N GLU B 89 -25.07 13.67 -10.91
CA GLU B 89 -24.41 14.97 -10.90
C GLU B 89 -22.92 14.90 -10.49
N SER B 90 -22.59 14.02 -9.57
CA SER B 90 -21.17 13.86 -9.25
C SER B 90 -20.37 13.37 -10.49
N ILE B 91 -20.93 12.41 -11.23
CA ILE B 91 -20.24 11.86 -12.40
C ILE B 91 -20.05 12.93 -13.48
N LEU B 92 -21.16 13.58 -13.92
CA LEU B 92 -21.06 14.57 -15.02
C LEU B 92 -20.07 15.61 -14.64
N THR B 93 -20.10 16.02 -13.39
CA THR B 93 -19.16 16.98 -12.88
C THR B 93 -17.71 16.43 -13.07
N THR B 94 -17.47 15.17 -12.75
CA THR B 94 -16.14 14.67 -12.85
C THR B 94 -15.73 14.62 -14.31
N MET B 95 -16.64 14.21 -15.15
CA MET B 95 -16.39 14.36 -16.56
C MET B 95 -15.87 15.73 -16.99
N VAL B 96 -16.59 16.82 -16.65
CA VAL B 96 -16.16 18.12 -17.13
C VAL B 96 -14.87 18.57 -16.52
N GLN B 97 -14.63 18.27 -15.26
CA GLN B 97 -13.37 18.69 -14.69
C GLN B 97 -12.24 18.03 -15.52
N VAL B 98 -12.40 16.75 -15.85
CA VAL B 98 -11.36 16.04 -16.58
C VAL B 98 -11.26 16.53 -18.05
N ALA B 99 -12.40 16.70 -18.69
CA ALA B 99 -12.39 17.25 -20.03
C ALA B 99 -11.63 18.57 -20.01
N GLY B 100 -11.83 19.35 -18.94
CA GLY B 100 -11.10 20.62 -18.74
C GLY B 100 -9.60 20.40 -18.66
N LYS B 101 -9.19 19.39 -17.89
CA LYS B 101 -7.78 19.11 -17.73
C LYS B 101 -7.15 18.65 -19.04
N VAL B 102 -7.90 17.88 -19.80
CA VAL B 102 -7.40 17.46 -21.13
C VAL B 102 -7.24 18.68 -22.01
N GLN B 103 -8.19 19.63 -21.89
CA GLN B 103 -8.06 20.91 -22.60
C GLN B 103 -6.79 21.70 -22.28
N GLU B 104 -6.39 21.80 -21.02
CA GLU B 104 -5.14 22.51 -20.67
C GLU B 104 -3.98 21.87 -21.40
N VAL B 105 -4.09 20.58 -21.64
CA VAL B 105 -3.07 19.90 -22.40
C VAL B 105 -3.30 20.11 -23.90
N LEU B 106 -4.54 20.14 -24.36
CA LEU B 106 -4.79 20.46 -25.78
C LEU B 106 -4.12 21.78 -26.20
N LYS B 107 -4.02 22.74 -25.27
CA LYS B 107 -3.42 24.04 -25.55
C LYS B 107 -1.93 24.16 -25.20
N GLU B 108 -1.25 23.06 -24.89
CA GLU B 108 0.23 23.10 -24.75
C GLU B 108 0.90 21.83 -25.19
N PRO B 109 0.68 21.40 -26.46
CA PRO B 109 1.24 20.17 -27.05
C PRO B 109 2.76 19.92 -26.91
N ASP B 110 3.49 20.92 -26.44
CA ASP B 110 4.89 20.77 -26.11
C ASP B 110 5.01 20.31 -24.66
N GLY B 111 5.71 19.19 -24.46
CA GLY B 111 5.78 18.53 -23.15
C GLY B 111 4.59 17.60 -22.89
N GLY B 112 3.48 17.80 -23.59
CA GLY B 112 2.21 17.26 -23.14
C GLY B 112 1.93 15.94 -23.79
N LEU B 113 1.10 15.11 -23.13
CA LEU B 113 0.72 13.74 -23.61
C LEU B 113 -0.55 13.22 -22.95
N VAL B 114 -1.35 12.45 -23.71
CA VAL B 114 -2.52 11.82 -23.10
C VAL B 114 -2.51 10.31 -23.27
N VAL B 115 -2.61 9.60 -22.14
CA VAL B 115 -2.35 8.16 -22.07
C VAL B 115 -3.58 7.44 -21.61
N LEU B 116 -4.06 6.51 -22.41
CA LEU B 116 -5.17 5.64 -22.02
C LEU B 116 -4.60 4.23 -21.80
N SER B 117 -4.78 3.65 -20.61
CA SER B 117 -4.13 2.38 -20.24
C SER B 117 -5.10 1.36 -19.71
N GLY B 118 -4.80 0.08 -19.88
CA GLY B 118 -5.56 -0.95 -19.19
C GLY B 118 -5.25 -2.33 -19.66
N GLY B 119 -5.60 -3.33 -18.86
CA GLY B 119 -5.34 -4.73 -19.24
C GLY B 119 -6.57 -5.20 -19.93
N GLY B 120 -6.46 -6.16 -20.87
CA GLY B 120 -7.60 -6.89 -21.38
C GLY B 120 -8.46 -6.02 -22.27
N THR B 121 -9.79 -6.18 -22.21
CA THR B 121 -10.63 -5.40 -23.04
C THR B 121 -10.47 -3.94 -22.64
N SER B 122 -10.04 -3.67 -21.42
CA SER B 122 -9.86 -2.27 -21.12
C SER B 122 -8.75 -1.67 -21.96
N GLY B 123 -7.65 -2.41 -22.17
CA GLY B 123 -6.60 -1.96 -23.10
C GLY B 123 -7.06 -2.05 -24.55
N ARG B 124 -7.90 -3.02 -24.87
CA ARG B 124 -8.43 -3.03 -26.22
C ARG B 124 -9.22 -1.74 -26.51
N MET B 125 -9.94 -1.22 -25.52
CA MET B 125 -10.70 -0.03 -25.75
C MET B 125 -9.79 1.16 -25.67
N ALA B 126 -8.72 1.11 -24.87
CA ALA B 126 -7.78 2.24 -24.88
C ALA B 126 -7.24 2.38 -26.30
N PHE B 127 -6.91 1.25 -26.92
CA PHE B 127 -6.37 1.28 -28.27
C PHE B 127 -7.31 1.98 -29.25
N LEU B 128 -8.52 1.46 -29.46
CA LEU B 128 -9.48 2.09 -30.41
C LEU B 128 -9.61 3.60 -30.26
N MET B 129 -9.83 4.04 -29.02
CA MET B 129 -10.01 5.46 -28.75
C MET B 129 -8.76 6.27 -28.98
N SER B 130 -7.60 5.76 -28.61
CA SER B 130 -6.34 6.50 -28.84
C SER B 130 -6.14 6.77 -30.35
N VAL B 131 -6.59 5.82 -31.17
CA VAL B 131 -6.54 5.97 -32.61
C VAL B 131 -7.51 7.05 -33.11
N SER B 132 -8.78 7.00 -32.67
CA SER B 132 -9.77 7.95 -33.13
C SER B 132 -9.44 9.40 -32.77
N PHE B 133 -8.93 9.69 -31.58
CA PHE B 133 -8.62 11.08 -31.20
C PHE B 133 -7.28 11.54 -31.73
N ASN B 134 -6.44 10.58 -32.15
CA ASN B 134 -5.25 10.92 -32.92
C ASN B 134 -5.63 11.31 -34.36
N GLN B 135 -6.69 10.72 -34.92
CA GLN B 135 -7.18 11.20 -36.18
C GLN B 135 -7.68 12.65 -36.02
N LEU B 136 -8.54 12.87 -35.02
CA LEU B 136 -9.18 14.16 -34.83
C LEU B 136 -8.16 15.27 -34.77
N MET B 137 -7.17 15.15 -33.91
CA MET B 137 -6.10 16.14 -33.85
C MET B 137 -5.36 16.30 -35.22
N LYS B 138 -5.38 15.24 -36.04
CA LYS B 138 -4.84 15.27 -37.41
C LYS B 138 -5.74 16.08 -38.32
N GLY B 139 -7.02 15.77 -38.28
CA GLY B 139 -8.02 16.54 -38.99
C GLY B 139 -8.00 18.03 -38.66
N LEU B 140 -7.14 18.48 -37.72
CA LEU B 140 -6.97 19.92 -37.47
C LEU B 140 -5.53 20.39 -37.63
N GLY B 141 -4.68 19.55 -38.21
CA GLY B 141 -3.25 19.82 -38.23
C GLY B 141 -2.63 20.20 -36.89
N GLN B 142 -3.12 19.55 -35.82
CA GLN B 142 -2.43 19.57 -34.52
C GLN B 142 -1.62 18.27 -34.46
N LYS B 143 -0.47 18.30 -33.80
CA LYS B 143 0.28 17.06 -33.61
C LYS B 143 -0.48 16.16 -32.62
N PRO B 144 -0.57 14.84 -32.90
CA PRO B 144 -1.41 13.92 -32.15
C PRO B 144 -0.80 13.60 -30.79
N LEU B 145 -1.62 13.57 -29.73
CA LEU B 145 -1.11 13.49 -28.35
C LEU B 145 -1.54 12.26 -27.56
N TYR B 146 -2.35 11.42 -28.19
CA TYR B 146 -2.88 10.27 -27.54
C TYR B 146 -1.93 9.12 -27.73
N THR B 147 -2.04 8.15 -26.85
CA THR B 147 -1.37 6.89 -27.03
C THR B 147 -1.94 5.92 -26.02
N TYR B 148 -1.61 4.65 -26.17
CA TYR B 148 -2.26 3.61 -25.42
C TYR B 148 -1.22 2.65 -24.81
N LEU B 149 -1.57 2.10 -23.66
CA LEU B 149 -0.81 1.06 -23.00
C LEU B 149 -1.77 -0.07 -22.79
N ILE B 150 -1.38 -1.27 -23.19
CA ILE B 150 -2.16 -2.44 -22.83
C ILE B 150 -1.18 -3.40 -22.23
N ALA B 151 -1.62 -4.13 -21.21
CA ALA B 151 -0.77 -5.06 -20.50
C ALA B 151 -0.27 -6.15 -21.45
N GLY B 152 0.99 -6.53 -21.20
CA GLY B 152 1.77 -7.44 -22.04
C GLY B 152 2.21 -6.89 -23.38
N GLY B 153 2.28 -5.56 -23.43
CA GLY B 153 2.68 -4.82 -24.63
C GLY B 153 1.75 -4.92 -25.80
N ASP B 154 2.09 -4.20 -26.85
CA ASP B 154 1.19 -3.99 -27.98
C ASP B 154 0.65 -5.24 -28.61
N ARG B 155 1.31 -6.37 -28.37
CA ARG B 155 0.82 -7.67 -28.90
C ARG B 155 -0.61 -7.94 -28.40
N SER B 156 -0.81 -7.68 -27.11
CA SER B 156 -2.05 -8.05 -26.40
C SER B 156 -3.37 -7.50 -27.00
N VAL B 157 -3.27 -6.55 -27.92
CA VAL B 157 -4.43 -5.88 -28.43
C VAL B 157 -5.32 -6.87 -29.13
N VAL B 158 -4.72 -7.88 -29.72
CA VAL B 158 -5.46 -8.80 -30.57
C VAL B 158 -5.31 -10.24 -30.11
N ALA B 159 -4.66 -10.47 -28.98
CA ALA B 159 -4.50 -11.84 -28.51
C ALA B 159 -5.24 -12.03 -27.21
N SER B 160 -5.60 -13.27 -26.91
CA SER B 160 -5.97 -13.67 -25.54
C SER B 160 -4.74 -13.82 -24.63
N ARG B 161 -4.60 -12.98 -23.59
CA ARG B 161 -3.35 -12.89 -22.83
C ARG B 161 -3.55 -12.39 -21.39
N GLU B 162 -4.43 -13.11 -20.69
CA GLU B 162 -5.00 -12.67 -19.41
C GLU B 162 -3.99 -12.59 -18.23
N GLY B 163 -2.81 -13.19 -18.41
CA GLY B 163 -1.76 -13.25 -17.38
C GLY B 163 -0.96 -11.97 -17.17
N THR B 164 -0.98 -11.08 -18.16
CA THR B 164 -0.12 -9.90 -18.18
C THR B 164 -0.52 -8.75 -17.25
N GLU B 165 -1.78 -8.70 -16.83
CA GLU B 165 -2.28 -7.62 -15.95
C GLU B 165 -1.84 -7.70 -14.48
N ASP B 166 -1.17 -8.78 -14.09
CA ASP B 166 -0.95 -9.02 -12.65
C ASP B 166 0.23 -8.29 -12.03
N SER B 167 1.06 -7.62 -12.84
CA SER B 167 2.24 -6.87 -12.37
C SER B 167 2.10 -5.34 -12.49
N ALA B 168 2.27 -4.71 -11.33
CA ALA B 168 2.35 -3.28 -11.21
C ALA B 168 3.62 -2.67 -11.76
N LEU B 169 4.76 -3.35 -11.62
CA LEU B 169 6.01 -2.81 -12.18
C LEU B 169 5.91 -2.79 -13.70
N HIS B 170 5.40 -3.87 -14.28
CA HIS B 170 5.31 -3.93 -15.71
C HIS B 170 4.59 -2.68 -16.22
N GLY B 171 3.43 -2.43 -15.61
CA GLY B 171 2.61 -1.29 -15.95
C GLY B 171 3.35 0.00 -15.75
N ILE B 172 4.12 0.10 -14.67
CA ILE B 172 4.89 1.29 -14.39
C ILE B 172 5.97 1.49 -15.43
N GLU B 173 6.57 0.40 -15.91
CA GLU B 173 7.64 0.57 -16.87
C GLU B 173 7.08 1.13 -18.16
N GLU B 174 6.15 0.39 -18.77
CA GLU B 174 5.47 0.84 -20.01
C GLU B 174 5.16 2.33 -20.00
N LEU B 175 4.83 2.84 -18.81
CA LEU B 175 4.39 4.19 -18.67
C LEU B 175 5.56 5.16 -18.60
N LYS B 176 6.56 4.83 -17.78
CA LYS B 176 7.78 5.62 -17.69
C LYS B 176 8.46 5.75 -19.05
N LYS B 177 8.31 4.71 -19.87
CA LYS B 177 8.73 4.73 -21.26
C LYS B 177 8.06 5.87 -22.00
N VAL B 178 6.78 5.70 -22.28
CA VAL B 178 6.11 6.59 -23.21
C VAL B 178 5.99 8.03 -22.64
N ALA B 179 6.17 8.21 -21.33
CA ALA B 179 6.26 9.56 -20.74
C ALA B 179 7.71 10.03 -20.54
N ALA B 180 8.60 9.59 -21.43
CA ALA B 180 10.04 9.79 -21.28
C ALA B 180 10.37 11.27 -21.22
N GLY B 181 10.13 11.93 -22.35
CA GLY B 181 10.52 13.34 -22.50
C GLY B 181 9.58 14.32 -21.83
N LYS B 182 8.36 13.86 -21.54
CA LYS B 182 7.23 14.75 -21.41
C LYS B 182 7.23 15.51 -20.08
N LYS B 183 6.41 16.57 -20.04
CA LYS B 183 6.29 17.50 -18.90
C LYS B 183 4.88 17.58 -18.30
N ARG B 184 3.85 17.24 -19.08
CA ARG B 184 2.50 17.03 -18.55
C ARG B 184 1.84 15.80 -19.17
N VAL B 185 1.66 14.77 -18.36
CA VAL B 185 1.04 13.55 -18.83
C VAL B 185 -0.27 13.31 -18.11
N ILE B 186 -1.33 13.11 -18.87
CA ILE B 186 -2.58 12.65 -18.31
C ILE B 186 -2.68 11.17 -18.57
N VAL B 187 -2.86 10.43 -17.46
CA VAL B 187 -2.87 8.99 -17.46
C VAL B 187 -4.27 8.60 -17.10
N ILE B 188 -4.99 8.01 -18.03
CA ILE B 188 -6.32 7.52 -17.75
C ILE B 188 -6.18 6.02 -17.56
N GLY B 189 -6.30 5.62 -16.30
CA GLY B 189 -6.14 4.23 -15.95
C GLY B 189 -7.51 3.64 -15.91
N ILE B 190 -7.71 2.55 -16.65
CA ILE B 190 -9.00 1.96 -16.85
C ILE B 190 -9.02 0.52 -16.34
N SER B 191 -9.83 0.25 -15.31
CA SER B 191 -10.04 -1.11 -14.88
C SER B 191 -11.48 -1.19 -14.44
N VAL B 192 -12.25 -2.06 -15.05
CA VAL B 192 -13.66 -2.07 -14.84
C VAL B 192 -13.90 -2.44 -13.42
N GLY B 193 -13.21 -3.48 -12.98
CA GLY B 193 -13.33 -3.91 -11.61
C GLY B 193 -12.64 -3.04 -10.58
N LEU B 194 -12.01 -1.94 -10.96
CA LEU B 194 -10.99 -1.33 -10.13
C LEU B 194 -10.14 -2.49 -9.54
N SER B 195 -9.45 -3.17 -10.45
CA SER B 195 -8.77 -4.38 -10.11
C SER B 195 -7.34 -4.55 -10.62
N ALA B 196 -7.07 -4.19 -11.87
CA ALA B 196 -5.84 -4.63 -12.51
C ALA B 196 -4.59 -4.05 -11.80
N PRO B 197 -3.74 -4.91 -11.22
CA PRO B 197 -2.44 -4.46 -10.72
C PRO B 197 -1.66 -3.61 -11.74
N PHE B 198 -1.74 -3.93 -13.03
CA PHE B 198 -1.19 -3.06 -14.09
C PHE B 198 -1.54 -1.57 -13.89
N VAL B 199 -2.83 -1.28 -13.64
CA VAL B 199 -3.28 0.10 -13.56
C VAL B 199 -2.98 0.65 -12.21
N ALA B 200 -3.05 -0.17 -11.20
CA ALA B 200 -2.82 0.32 -9.85
C ALA B 200 -1.43 0.97 -9.71
N GLY B 201 -0.46 0.36 -10.38
CA GLY B 201 0.91 0.82 -10.31
C GLY B 201 1.10 2.21 -10.91
N GLN B 202 0.60 2.32 -12.14
CA GLN B 202 0.61 3.55 -12.90
C GLN B 202 0.02 4.68 -12.09
N MET B 203 -1.18 4.45 -11.55
CA MET B 203 -1.88 5.46 -10.76
C MET B 203 -1.06 5.87 -9.58
N ASP B 204 -0.47 4.90 -8.89
CA ASP B 204 0.40 5.20 -7.75
C ASP B 204 1.67 5.94 -8.22
N CYS B 205 2.28 5.48 -9.30
CA CYS B 205 3.40 6.19 -9.88
C CYS B 205 3.01 7.65 -10.03
N CYS B 206 1.90 7.89 -10.74
CA CYS B 206 1.43 9.26 -10.95
C CYS B 206 1.37 10.05 -9.65
N MET B 207 0.71 9.55 -8.62
CA MET B 207 0.48 10.37 -7.42
C MET B 207 1.80 10.73 -6.75
N ASN B 208 2.82 9.93 -7.01
CA ASN B 208 4.12 10.19 -6.46
C ASN B 208 4.89 11.30 -7.21
N ASN B 209 4.33 11.82 -8.33
CA ASN B 209 4.94 12.93 -9.12
C ASN B 209 3.89 13.78 -9.89
N THR B 210 3.11 14.54 -9.13
CA THR B 210 1.98 15.29 -9.69
C THR B 210 2.36 16.53 -10.51
N ALA B 211 3.62 16.94 -10.45
CA ALA B 211 4.10 18.02 -11.28
C ALA B 211 3.86 17.68 -12.74
N VAL B 212 4.19 16.45 -13.09
CA VAL B 212 4.10 15.98 -14.46
C VAL B 212 2.81 15.23 -14.75
N PHE B 213 2.34 14.42 -13.80
CA PHE B 213 1.25 13.48 -14.05
C PHE B 213 -0.08 13.86 -13.46
N LEU B 214 -1.14 13.70 -14.27
CA LEU B 214 -2.53 13.72 -13.80
C LEU B 214 -3.19 12.36 -13.99
N PRO B 215 -3.41 11.61 -12.89
CA PRO B 215 -4.07 10.34 -13.03
C PRO B 215 -5.59 10.42 -12.93
N VAL B 216 -6.23 9.58 -13.71
CA VAL B 216 -7.62 9.55 -13.86
C VAL B 216 -8.00 8.11 -13.91
N LEU B 217 -8.49 7.66 -12.76
CA LEU B 217 -8.95 6.31 -12.64
C LEU B 217 -10.40 6.22 -13.13
N VAL B 218 -10.64 5.29 -14.07
CA VAL B 218 -11.95 5.00 -14.56
C VAL B 218 -12.28 3.53 -14.37
N GLY B 219 -13.48 3.27 -13.86
CA GLY B 219 -14.03 1.91 -13.82
C GLY B 219 -15.46 1.97 -13.32
N PHE B 220 -15.95 0.90 -12.72
CA PHE B 220 -17.39 0.75 -12.45
C PHE B 220 -17.81 0.10 -11.16
N ASN B 221 -16.88 0.00 -10.22
CA ASN B 221 -17.20 -0.39 -8.86
C ASN B 221 -16.97 0.84 -8.10
N PRO B 222 -17.71 1.00 -7.00
CA PRO B 222 -17.42 2.06 -6.06
C PRO B 222 -16.08 1.77 -5.44
N VAL B 223 -15.44 2.81 -4.95
CA VAL B 223 -14.14 2.68 -4.36
C VAL B 223 -14.17 1.67 -3.21
N SER B 224 -15.25 1.71 -2.44
CA SER B 224 -15.37 0.82 -1.30
C SER B 224 -15.50 -0.64 -1.69
N MET B 225 -15.76 -0.94 -2.96
CA MET B 225 -15.69 -2.33 -3.45
C MET B 225 -14.47 -2.55 -4.33
N ALA B 226 -13.54 -1.60 -4.38
CA ALA B 226 -12.34 -1.77 -5.18
C ALA B 226 -11.55 -2.95 -4.64
N ARG B 227 -10.72 -3.51 -5.48
CA ARG B 227 -9.97 -4.70 -5.10
C ARG B 227 -8.99 -4.41 -3.99
N ASN B 228 -8.95 -5.34 -3.05
CA ASN B 228 -8.08 -5.21 -1.93
C ASN B 228 -7.06 -6.31 -1.83
N ASP B 229 -6.81 -7.13 -2.86
CA ASP B 229 -5.90 -8.24 -2.65
C ASP B 229 -4.45 -7.74 -2.66
N PRO B 230 -3.62 -8.34 -1.80
CA PRO B 230 -2.20 -8.01 -1.92
C PRO B 230 -1.73 -8.29 -3.35
N ILE B 231 -1.02 -7.33 -3.95
CA ILE B 231 -0.48 -7.42 -5.30
C ILE B 231 0.93 -7.91 -5.22
N GLU B 232 1.26 -8.93 -5.99
CA GLU B 232 2.54 -9.58 -5.69
C GLU B 232 3.80 -8.74 -5.67
N ASP B 233 3.83 -7.58 -6.33
CA ASP B 233 5.06 -6.79 -6.35
C ASP B 233 4.82 -5.34 -5.91
N TRP B 234 3.93 -5.16 -4.96
CA TRP B 234 3.55 -3.81 -4.58
C TRP B 234 3.06 -3.91 -3.14
N SER B 235 3.05 -2.81 -2.41
CA SER B 235 2.64 -2.92 -1.01
C SER B 235 1.25 -2.40 -0.74
N SER B 236 0.77 -1.55 -1.64
CA SER B 236 -0.58 -1.01 -1.58
C SER B 236 -1.49 -1.86 -2.43
N THR B 237 -2.79 -1.81 -2.14
CA THR B 237 -3.79 -2.53 -2.93
C THR B 237 -4.48 -1.51 -3.84
N PHE B 238 -5.29 -1.98 -4.76
CA PHE B 238 -6.06 -1.09 -5.64
C PHE B 238 -6.89 -0.14 -4.78
N ARG B 239 -7.72 -0.70 -3.92
CA ARG B 239 -8.50 0.08 -2.95
C ARG B 239 -7.76 1.28 -2.28
N GLN B 240 -6.49 1.10 -1.92
CA GLN B 240 -5.78 2.16 -1.16
C GLN B 240 -5.35 3.25 -2.08
N VAL B 241 -5.02 2.83 -3.29
CA VAL B 241 -4.69 3.72 -4.39
C VAL B 241 -5.93 4.52 -4.77
N ALA B 242 -7.03 3.82 -5.05
CA ALA B 242 -8.24 4.53 -5.43
C ALA B 242 -8.67 5.51 -4.34
N GLU B 243 -8.53 5.12 -3.08
CA GLU B 243 -8.86 6.01 -1.95
C GLU B 243 -7.98 7.25 -1.95
N ARG B 244 -6.68 7.09 -2.12
CA ARG B 244 -5.76 8.23 -2.15
C ARG B 244 -6.04 9.15 -3.37
N MET B 245 -6.28 8.55 -4.54
CA MET B 245 -6.80 9.32 -5.67
C MET B 245 -8.08 10.09 -5.29
N GLN B 246 -9.04 9.45 -4.63
CA GLN B 246 -10.26 10.18 -4.27
C GLN B 246 -10.00 11.42 -3.41
N LYS B 247 -9.13 11.30 -2.42
CA LYS B 247 -8.86 12.41 -1.52
C LYS B 247 -8.03 13.47 -2.21
N MET B 248 -7.39 13.12 -3.32
CA MET B 248 -6.79 14.12 -4.17
C MET B 248 -7.79 14.85 -5.09
N GLN B 249 -8.97 14.29 -5.32
CA GLN B 249 -9.87 14.87 -6.31
C GLN B 249 -10.30 16.27 -5.94
N GLU B 250 -10.59 16.48 -4.67
CA GLU B 250 -10.96 17.78 -4.11
C GLU B 250 -9.90 18.88 -4.23
N LYS B 251 -8.76 18.57 -4.82
CA LYS B 251 -7.79 19.56 -5.29
C LYS B 251 -7.46 19.36 -6.79
N GLN B 252 -8.31 18.59 -7.49
CA GLN B 252 -8.12 18.25 -8.90
C GLN B 252 -6.69 17.82 -9.31
N LYS B 253 -6.00 17.12 -8.43
CA LYS B 253 -4.73 16.50 -8.75
C LYS B 253 -4.95 15.05 -9.11
N ALA B 254 -6.15 14.54 -8.86
CA ALA B 254 -6.54 13.19 -9.28
C ALA B 254 -8.02 13.13 -9.52
N PHE B 255 -8.47 12.22 -10.38
CA PHE B 255 -9.91 12.04 -10.57
C PHE B 255 -10.26 10.56 -10.58
N VAL B 256 -11.38 10.24 -9.94
CA VAL B 256 -11.90 8.91 -9.94
C VAL B 256 -13.25 8.96 -10.61
N LEU B 257 -13.35 8.33 -11.77
CA LEU B 257 -14.51 8.37 -12.58
C LEU B 257 -15.11 6.95 -12.64
N ASN B 258 -16.13 6.71 -11.83
CA ASN B 258 -16.54 5.33 -11.49
C ASN B 258 -18.03 5.09 -11.20
N PRO B 259 -18.89 5.26 -12.24
CA PRO B 259 -20.32 5.07 -12.09
C PRO B 259 -20.68 3.62 -11.97
N ALA B 260 -21.86 3.33 -11.45
CA ALA B 260 -22.37 1.97 -11.39
C ALA B 260 -23.28 1.81 -12.57
N ILE B 261 -23.14 0.67 -13.23
CA ILE B 261 -23.85 0.36 -14.46
C ILE B 261 -24.52 -1.00 -14.33
N GLY B 262 -24.28 -1.63 -13.19
CA GLY B 262 -24.98 -2.82 -12.78
C GLY B 262 -24.21 -4.02 -13.21
N PRO B 263 -24.47 -5.17 -12.60
CA PRO B 263 -23.70 -6.32 -13.03
C PRO B 263 -23.85 -6.71 -14.49
N GLU B 264 -22.89 -7.49 -14.94
CA GLU B 264 -22.87 -7.97 -16.31
C GLU B 264 -23.93 -9.02 -16.49
N GLY B 265 -24.30 -9.25 -17.73
CA GLY B 265 -25.27 -10.28 -18.04
C GLY B 265 -24.67 -11.63 -17.74
N LEU B 266 -23.39 -11.75 -18.03
CA LEU B 266 -22.64 -12.96 -17.74
C LEU B 266 -21.66 -12.55 -16.67
N SER B 267 -21.76 -13.15 -15.51
CA SER B 267 -21.19 -12.56 -14.32
C SER B 267 -19.71 -12.32 -14.50
N GLY B 268 -19.29 -11.07 -14.32
CA GLY B 268 -17.88 -10.74 -14.35
C GLY B 268 -17.30 -10.76 -15.76
N SER B 269 -18.14 -10.86 -16.80
CA SER B 269 -17.66 -10.76 -18.17
C SER B 269 -17.58 -9.31 -18.54
N SER B 270 -16.56 -8.64 -18.01
CA SER B 270 -16.51 -7.21 -18.09
C SER B 270 -16.11 -6.71 -19.47
N ARG B 271 -15.89 -7.63 -20.42
CA ARG B 271 -15.74 -7.31 -21.85
C ARG B 271 -17.02 -6.62 -22.35
N MET B 272 -18.16 -6.99 -21.81
CA MET B 272 -19.43 -6.43 -22.27
C MET B 272 -19.68 -5.04 -21.69
N LYS B 273 -20.58 -4.91 -20.71
CA LYS B 273 -20.98 -3.56 -20.33
C LYS B 273 -19.79 -2.68 -19.98
N GLY B 274 -18.83 -3.25 -19.27
CA GLY B 274 -17.60 -2.53 -18.89
C GLY B 274 -16.88 -1.97 -20.09
N GLY B 275 -16.78 -2.78 -21.14
CA GLY B 275 -16.17 -2.31 -22.38
C GLY B 275 -16.99 -1.24 -23.07
N SER B 276 -18.26 -1.52 -23.36
CA SER B 276 -19.16 -0.51 -23.85
C SER B 276 -19.09 0.73 -23.00
N ALA B 277 -19.37 0.59 -21.70
CA ALA B 277 -19.39 1.79 -20.81
C ALA B 277 -18.06 2.59 -20.83
N THR B 278 -16.97 1.89 -21.02
CA THR B 278 -15.69 2.57 -21.12
C THR B 278 -15.65 3.54 -22.31
N LYS B 279 -16.05 3.04 -23.46
CA LYS B 279 -16.14 3.85 -24.67
C LYS B 279 -17.07 5.01 -24.43
N ILE B 280 -18.30 4.68 -24.05
CA ILE B 280 -19.30 5.71 -23.81
C ILE B 280 -18.72 6.85 -22.99
N LEU B 281 -18.08 6.52 -21.87
CA LEU B 281 -17.57 7.52 -20.92
C LEU B 281 -16.45 8.35 -21.51
N LEU B 282 -15.45 7.70 -22.07
CA LEU B 282 -14.23 8.43 -22.44
C LEU B 282 -14.38 9.10 -23.82
N GLU B 283 -15.11 8.46 -24.73
CA GLU B 283 -15.38 9.06 -26.02
C GLU B 283 -16.20 10.31 -25.79
N THR B 284 -17.31 10.19 -25.09
CA THR B 284 -18.01 11.37 -24.63
C THR B 284 -17.08 12.40 -24.02
N LEU B 285 -16.27 11.96 -23.10
CA LEU B 285 -15.48 12.95 -22.36
C LEU B 285 -14.54 13.69 -23.30
N LEU B 286 -13.87 12.95 -24.16
CA LEU B 286 -12.79 13.53 -24.92
C LEU B 286 -13.30 14.35 -26.08
N LEU B 287 -14.23 13.79 -26.86
CA LEU B 287 -14.88 14.55 -27.93
C LEU B 287 -15.31 15.91 -27.39
N ALA B 288 -16.01 15.86 -26.28
CA ALA B 288 -16.52 17.07 -25.71
C ALA B 288 -15.37 17.98 -25.33
N ALA B 289 -14.24 17.42 -24.91
CA ALA B 289 -13.10 18.27 -24.60
C ALA B 289 -12.59 19.01 -25.84
N HIS B 290 -12.61 18.34 -26.99
CA HIS B 290 -12.05 18.88 -28.20
C HIS B 290 -13.00 19.92 -28.78
N LYS B 291 -14.23 19.46 -29.04
CA LYS B 291 -15.33 20.29 -29.51
C LYS B 291 -15.44 21.66 -28.84
N THR B 292 -15.18 21.73 -27.54
CA THR B 292 -15.53 22.89 -26.72
C THR B 292 -14.32 23.63 -26.20
N VAL B 293 -13.16 23.59 -26.83
CA VAL B 293 -12.05 24.37 -26.27
C VAL B 293 -12.39 25.86 -26.36
N ASP B 294 -11.98 26.59 -25.32
CA ASP B 294 -12.20 28.03 -25.21
C ASP B 294 -13.69 28.46 -25.30
N GLN B 295 -14.62 27.58 -24.99
CA GLN B 295 -16.05 27.92 -25.03
C GLN B 295 -16.68 27.96 -23.64
N GLY B 296 -15.85 27.90 -22.59
CA GLY B 296 -16.37 27.98 -21.22
C GLY B 296 -17.01 26.66 -20.78
N ILE B 297 -17.12 26.51 -19.47
CA ILE B 297 -17.64 25.27 -18.91
C ILE B 297 -19.07 24.95 -19.33
N ALA B 298 -19.90 25.97 -19.50
CA ALA B 298 -21.31 25.73 -19.81
C ALA B 298 -21.39 24.87 -21.05
N ALA B 299 -20.74 25.33 -22.10
CA ALA B 299 -20.69 24.62 -23.39
C ALA B 299 -20.31 23.13 -23.24
N SER B 300 -19.31 22.88 -22.40
CA SER B 300 -18.82 21.52 -22.15
C SER B 300 -19.89 20.62 -21.54
N GLN B 301 -20.57 21.09 -20.50
CA GLN B 301 -21.60 20.28 -19.85
C GLN B 301 -22.71 19.96 -20.86
N ARG B 302 -23.06 20.95 -21.68
CA ARG B 302 -24.14 20.80 -22.63
C ARG B 302 -23.74 19.74 -23.62
N CYS B 303 -22.48 19.81 -24.05
CA CYS B 303 -21.94 18.87 -25.02
C CYS B 303 -21.90 17.42 -24.49
N LEU B 304 -21.38 17.24 -23.29
CA LEU B 304 -21.38 15.93 -22.67
C LEU B 304 -22.72 15.26 -22.74
N LEU B 305 -23.72 15.99 -22.27
CA LEU B 305 -25.09 15.46 -22.20
C LEU B 305 -25.62 15.17 -23.58
N GLU B 306 -25.22 15.98 -24.57
CA GLU B 306 -25.65 15.70 -25.96
C GLU B 306 -25.15 14.35 -26.37
N ILE B 307 -23.84 14.18 -26.25
CA ILE B 307 -23.18 12.92 -26.59
C ILE B 307 -23.68 11.71 -25.77
N LEU B 308 -23.84 11.85 -24.46
CA LEU B 308 -24.44 10.72 -23.73
C LEU B 308 -25.82 10.29 -24.29
N ARG B 309 -26.72 11.26 -24.55
CA ARG B 309 -28.09 10.96 -25.06
C ARG B 309 -28.04 10.35 -26.45
N THR B 310 -27.08 10.79 -27.27
CA THR B 310 -26.86 10.04 -28.48
C THR B 310 -26.48 8.59 -28.21
N PHE B 311 -25.45 8.38 -27.39
CA PHE B 311 -25.12 6.98 -27.07
C PHE B 311 -26.32 6.21 -26.50
N GLU B 312 -27.17 6.88 -25.74
CA GLU B 312 -28.35 6.19 -25.24
C GLU B 312 -29.30 5.78 -26.40
N ARG B 313 -29.53 6.67 -27.36
CA ARG B 313 -30.30 6.37 -28.58
C ARG B 313 -29.77 5.13 -29.28
N ALA B 314 -28.43 5.11 -29.40
CA ALA B 314 -27.71 4.00 -30.04
C ALA B 314 -28.10 2.66 -29.46
N HIS B 315 -28.33 2.62 -28.16
CA HIS B 315 -28.77 1.38 -27.61
C HIS B 315 -30.11 1.02 -28.24
N GLN B 316 -31.12 1.90 -28.22
CA GLN B 316 -32.45 1.45 -28.72
C GLN B 316 -32.43 1.21 -30.23
N VAL B 317 -31.80 2.12 -30.97
CA VAL B 317 -31.59 1.89 -32.39
C VAL B 317 -31.08 0.49 -32.63
N THR B 318 -30.01 0.15 -31.91
CA THR B 318 -29.35 -1.13 -32.12
C THR B 318 -30.29 -2.26 -31.78
N TYR B 319 -30.85 -2.21 -30.59
CA TYR B 319 -31.69 -3.33 -30.14
C TYR B 319 -33.06 -3.36 -30.79
N SER B 320 -33.28 -2.41 -31.71
CA SER B 320 -34.42 -2.50 -32.64
C SER B 320 -34.42 -3.83 -33.36
N GLN B 321 -33.24 -4.36 -33.62
CA GLN B 321 -33.07 -5.57 -34.42
C GLN B 321 -33.01 -6.87 -33.64
N SER B 322 -33.67 -6.91 -32.54
CA SER B 322 -33.57 -8.07 -31.65
C SER B 322 -34.13 -9.33 -32.28
N PRO B 323 -35.15 -9.20 -33.14
CA PRO B 323 -35.53 -10.45 -33.78
C PRO B 323 -34.44 -10.93 -34.77
N LYS B 324 -33.81 -9.99 -35.50
CA LYS B 324 -32.79 -10.40 -36.49
C LYS B 324 -31.56 -10.91 -35.76
N ILE B 325 -31.16 -10.17 -34.72
CA ILE B 325 -29.97 -10.50 -33.92
C ILE B 325 -30.03 -11.92 -33.38
N ALA B 326 -31.20 -12.35 -32.92
CA ALA B 326 -31.36 -13.69 -32.37
C ALA B 326 -31.15 -14.72 -33.44
N THR B 327 -31.77 -14.47 -34.58
CA THR B 327 -31.72 -15.38 -35.71
C THR B 327 -30.24 -15.65 -36.08
N LEU B 328 -29.42 -14.61 -36.06
CA LEU B 328 -28.00 -14.78 -36.28
C LEU B 328 -27.38 -15.66 -35.15
N MET B 329 -27.72 -15.38 -33.90
CA MET B 329 -27.17 -16.14 -32.80
C MET B 329 -27.44 -17.65 -32.94
N LYS B 330 -28.65 -18.00 -33.42
CA LYS B 330 -28.98 -19.41 -33.69
C LYS B 330 -28.10 -20.02 -34.78
N SER B 331 -27.71 -19.19 -35.75
CA SER B 331 -26.92 -19.64 -36.88
C SER B 331 -25.53 -19.95 -36.35
N VAL B 332 -24.98 -18.98 -35.62
CA VAL B 332 -23.67 -19.09 -35.00
C VAL B 332 -23.63 -20.27 -34.02
N SER B 333 -24.68 -20.41 -33.22
CA SER B 333 -24.69 -21.48 -32.23
C SER B 333 -24.69 -22.80 -32.97
N THR B 334 -25.60 -22.92 -33.91
CA THR B 334 -25.70 -24.13 -34.73
C THR B 334 -24.40 -24.53 -35.43
N SER B 335 -23.62 -23.56 -35.91
CA SER B 335 -22.33 -23.85 -36.50
C SER B 335 -21.46 -24.60 -35.53
N LEU B 336 -21.26 -23.98 -34.37
CA LEU B 336 -20.38 -24.47 -33.34
C LEU B 336 -20.88 -25.77 -32.78
N GLU B 337 -22.19 -25.91 -32.70
CA GLU B 337 -22.79 -27.14 -32.19
C GLU B 337 -22.37 -28.34 -33.01
N LYS B 338 -22.29 -28.17 -34.32
CA LYS B 338 -21.92 -29.24 -35.22
C LYS B 338 -20.42 -29.26 -35.51
N LYS B 339 -19.65 -28.61 -34.63
CA LYS B 339 -18.19 -28.49 -34.76
C LYS B 339 -17.68 -27.77 -36.00
N GLY B 340 -18.50 -26.91 -36.58
CA GLY B 340 -18.05 -26.02 -37.63
C GLY B 340 -17.47 -24.77 -37.01
N HIS B 341 -17.33 -23.71 -37.81
CA HIS B 341 -16.65 -22.50 -37.36
C HIS B 341 -17.43 -21.26 -37.79
N VAL B 342 -16.92 -20.09 -37.39
CA VAL B 342 -17.61 -18.83 -37.58
C VAL B 342 -16.60 -17.77 -37.91
N TYR B 343 -16.80 -17.13 -39.06
CA TYR B 343 -15.90 -16.09 -39.58
C TYR B 343 -16.67 -14.75 -39.56
N LEU B 344 -16.14 -13.78 -38.82
CA LEU B 344 -16.65 -12.43 -38.80
C LEU B 344 -15.75 -11.56 -39.64
N VAL B 345 -16.19 -11.29 -40.87
CA VAL B 345 -15.43 -10.53 -41.83
C VAL B 345 -15.88 -9.10 -41.75
N GLY B 346 -14.92 -8.19 -41.59
CA GLY B 346 -15.27 -6.84 -41.32
C GLY B 346 -14.35 -5.82 -41.93
N TRP B 347 -14.88 -4.59 -42.09
CA TRP B 347 -14.07 -3.57 -42.70
C TRP B 347 -13.71 -2.52 -41.72
N GLN B 348 -12.48 -2.06 -41.88
CA GLN B 348 -11.96 -1.04 -41.06
C GLN B 348 -12.08 -1.39 -39.59
N THR B 349 -12.26 -0.34 -38.81
CA THR B 349 -12.49 -0.41 -37.42
C THR B 349 -13.55 -1.42 -37.02
N LEU B 350 -14.55 -1.66 -37.86
CA LEU B 350 -15.53 -2.62 -37.47
C LEU B 350 -14.89 -4.01 -37.50
N GLY B 351 -14.01 -4.23 -38.46
CA GLY B 351 -13.20 -5.45 -38.52
C GLY B 351 -12.38 -5.69 -37.25
N ILE B 352 -11.76 -4.64 -36.72
CA ILE B 352 -10.96 -4.77 -35.50
C ILE B 352 -11.81 -5.18 -34.27
N ILE B 353 -12.87 -4.45 -33.97
CA ILE B 353 -13.90 -4.98 -33.07
C ILE B 353 -14.19 -6.49 -33.30
N ALA B 354 -14.33 -6.88 -34.56
CA ALA B 354 -14.67 -8.28 -34.93
C ALA B 354 -13.61 -9.28 -34.47
N ILE B 355 -12.38 -9.02 -34.86
CA ILE B 355 -11.22 -9.73 -34.35
C ILE B 355 -11.26 -9.86 -32.83
N MET B 356 -11.42 -8.72 -32.14
CA MET B 356 -11.44 -8.64 -30.68
C MET B 356 -12.58 -9.43 -30.03
N ASP B 357 -13.73 -9.53 -30.64
CA ASP B 357 -14.78 -10.31 -30.00
C ASP B 357 -14.39 -11.77 -29.95
N GLY B 358 -13.84 -12.26 -31.05
CA GLY B 358 -13.67 -13.70 -31.19
C GLY B 358 -12.51 -14.22 -30.35
N VAL B 359 -11.42 -13.51 -30.42
CA VAL B 359 -10.32 -13.70 -29.54
C VAL B 359 -10.77 -13.75 -28.06
N GLU B 360 -11.72 -12.91 -27.70
CA GLU B 360 -12.19 -12.86 -26.34
C GLU B 360 -12.97 -14.11 -26.00
N CYS B 361 -13.51 -14.79 -27.00
CA CYS B 361 -14.22 -16.04 -26.72
C CYS B 361 -13.27 -17.14 -26.24
N ILE B 362 -11.99 -17.03 -26.62
CA ILE B 362 -11.03 -18.03 -26.28
C ILE B 362 -10.98 -18.12 -24.77
N HIS B 363 -10.59 -17.06 -24.10
CA HIS B 363 -10.54 -17.15 -22.64
C HIS B 363 -11.92 -17.16 -21.96
N THR B 364 -12.88 -16.40 -22.47
CA THR B 364 -14.20 -16.35 -21.86
C THR B 364 -14.86 -17.72 -21.86
N PHE B 365 -14.68 -18.46 -22.94
CA PHE B 365 -15.46 -19.68 -23.15
C PHE B 365 -14.63 -20.95 -23.37
N GLY B 366 -13.32 -20.82 -23.34
CA GLY B 366 -12.44 -21.97 -23.57
C GLY B 366 -12.46 -22.36 -25.04
N ALA B 367 -12.94 -21.42 -25.87
CA ALA B 367 -13.17 -21.68 -27.27
C ALA B 367 -11.86 -21.69 -27.98
N ASP B 368 -11.82 -22.50 -29.04
CA ASP B 368 -10.68 -22.61 -29.91
C ASP B 368 -10.52 -21.28 -30.65
N PHE B 369 -9.28 -20.93 -30.89
CA PHE B 369 -8.99 -19.79 -31.73
C PHE B 369 -9.97 -19.62 -32.90
N ARG B 370 -10.25 -20.72 -33.59
CA ARG B 370 -11.03 -20.68 -34.85
C ARG B 370 -12.52 -20.78 -34.64
N ASP B 371 -12.97 -21.06 -33.43
CA ASP B 371 -14.41 -21.18 -33.14
C ASP B 371 -15.18 -19.90 -33.52
N VAL B 372 -14.73 -18.74 -33.01
CA VAL B 372 -15.29 -17.47 -33.44
C VAL B 372 -14.16 -16.56 -33.83
N ARG B 373 -13.91 -16.50 -35.13
CA ARG B 373 -12.72 -15.84 -35.63
C ARG B 373 -13.08 -14.56 -36.38
N GLY B 374 -12.30 -13.50 -36.15
CA GLY B 374 -12.52 -12.22 -36.81
C GLY B 374 -11.49 -11.91 -37.89
N PHE B 375 -11.90 -11.16 -38.93
CA PHE B 375 -11.03 -10.79 -40.06
C PHE B 375 -11.22 -9.34 -40.48
N LEU B 376 -10.11 -8.65 -40.71
CA LEU B 376 -10.14 -7.30 -41.28
C LEU B 376 -9.72 -7.32 -42.75
N ILE B 377 -10.47 -6.64 -43.60
CA ILE B 377 -10.12 -6.51 -45.03
C ILE B 377 -9.40 -5.17 -45.35
N GLY B 378 -8.28 -5.27 -46.09
CA GLY B 378 -7.44 -4.12 -46.45
C GLY B 378 -6.52 -3.60 -45.35
N GLN B 393 0.33 -10.78 -36.98
CA GLN B 393 1.11 -10.73 -35.74
C GLN B 393 0.47 -11.65 -34.64
N GLY B 394 0.91 -12.92 -34.63
CA GLY B 394 0.21 -14.03 -33.96
C GLY B 394 -0.16 -15.01 -35.06
N PRO B 395 -1.44 -15.45 -35.13
CA PRO B 395 -2.07 -15.85 -36.42
C PRO B 395 -2.58 -14.62 -37.20
N GLN B 396 -2.76 -14.77 -38.51
CA GLN B 396 -3.10 -13.62 -39.38
C GLN B 396 -4.50 -13.05 -39.11
N PHE B 397 -4.59 -11.72 -38.95
CA PHE B 397 -5.88 -11.01 -38.79
C PHE B 397 -6.22 -9.99 -39.92
N THR B 398 -5.21 -9.41 -40.58
CA THR B 398 -5.40 -8.52 -41.75
C THR B 398 -5.22 -9.22 -43.12
N PHE B 399 -6.31 -9.54 -43.79
CA PHE B 399 -6.24 -10.08 -45.16
C PHE B 399 -6.66 -9.08 -46.27
N SER B 400 -5.79 -8.87 -47.27
CA SER B 400 -6.25 -8.27 -48.55
C SER B 400 -7.39 -9.12 -49.16
N GLN B 401 -8.07 -8.60 -50.16
CA GLN B 401 -9.11 -9.38 -50.83
C GLN B 401 -8.55 -10.67 -51.43
N GLU B 402 -7.38 -10.59 -52.09
CA GLU B 402 -6.85 -11.76 -52.81
C GLU B 402 -6.48 -12.83 -51.80
N ASP B 403 -5.78 -12.38 -50.75
CA ASP B 403 -5.29 -13.22 -49.67
C ASP B 403 -6.42 -13.92 -48.97
N PHE B 404 -7.46 -13.19 -48.59
CA PHE B 404 -8.59 -13.84 -47.94
C PHE B 404 -9.19 -14.91 -48.87
N LEU B 405 -9.34 -14.59 -50.14
CA LEU B 405 -9.91 -15.55 -51.10
C LEU B 405 -8.96 -16.74 -51.33
N THR B 406 -7.74 -16.46 -51.76
CA THR B 406 -6.71 -17.49 -51.86
C THR B 406 -6.65 -18.36 -50.58
N SER B 407 -6.39 -17.72 -49.45
CA SER B 407 -5.93 -18.40 -48.23
C SER B 407 -7.05 -18.94 -47.34
N ILE B 408 -8.15 -18.21 -47.21
CA ILE B 408 -9.17 -18.55 -46.22
C ILE B 408 -10.44 -19.11 -46.81
N LEU B 409 -10.81 -18.67 -48.00
CA LEU B 409 -12.02 -19.19 -48.64
C LEU B 409 -12.03 -20.73 -48.73
N PRO B 410 -10.90 -21.35 -49.14
CA PRO B 410 -10.76 -22.82 -49.22
C PRO B 410 -11.34 -23.63 -48.07
N SER B 411 -11.04 -23.28 -46.82
CA SER B 411 -11.46 -24.10 -45.65
C SER B 411 -12.97 -24.12 -45.33
N LEU B 412 -13.76 -23.24 -45.91
CA LEU B 412 -15.16 -23.09 -45.50
C LEU B 412 -16.07 -24.29 -45.87
N THR B 413 -17.17 -24.46 -45.13
CA THR B 413 -18.01 -25.65 -45.25
C THR B 413 -19.51 -25.29 -45.28
N GLU B 414 -20.35 -26.23 -45.74
CA GLU B 414 -21.84 -26.07 -45.70
C GLU B 414 -22.45 -25.68 -44.35
N ILE B 415 -21.71 -25.88 -43.26
CA ILE B 415 -22.21 -25.68 -41.90
C ILE B 415 -21.48 -24.59 -41.12
N ASP B 416 -20.50 -23.96 -41.77
CA ASP B 416 -19.85 -22.77 -41.24
C ASP B 416 -20.81 -21.59 -41.32
N THR B 417 -20.66 -20.63 -40.41
CA THR B 417 -21.37 -19.33 -40.52
C THR B 417 -20.39 -18.18 -40.76
N VAL B 418 -20.76 -17.30 -41.70
CA VAL B 418 -19.99 -16.09 -42.00
C VAL B 418 -20.86 -14.84 -41.84
N VAL B 419 -20.29 -13.78 -41.29
CA VAL B 419 -21.01 -12.55 -41.04
C VAL B 419 -20.15 -11.43 -41.58
N PHE B 420 -20.76 -10.53 -42.36
CA PHE B 420 -20.05 -9.40 -42.94
C PHE B 420 -20.48 -8.15 -42.23
N ILE B 421 -19.50 -7.31 -41.93
CA ILE B 421 -19.72 -6.15 -41.10
C ILE B 421 -19.08 -4.95 -41.76
N PHE B 422 -19.90 -3.97 -42.08
CA PHE B 422 -19.48 -2.86 -42.93
C PHE B 422 -20.56 -1.78 -42.93
N THR B 423 -20.16 -0.66 -43.51
CA THR B 423 -21.02 0.47 -43.71
C THR B 423 -21.12 0.71 -45.21
N LEU B 424 -22.15 1.42 -45.61
CA LEU B 424 -22.32 1.77 -47.01
C LEU B 424 -21.31 2.84 -47.49
N ASP B 425 -20.53 3.42 -46.57
CA ASP B 425 -19.32 4.22 -46.91
C ASP B 425 -18.05 3.37 -47.11
N ASP B 426 -18.17 2.05 -47.07
CA ASP B 426 -17.01 1.20 -47.34
C ASP B 426 -16.98 0.90 -48.85
N ASN B 427 -15.93 0.21 -49.27
CA ASN B 427 -15.82 -0.28 -50.64
C ASN B 427 -16.74 -1.48 -50.92
N LEU B 428 -17.97 -1.20 -51.34
CA LEU B 428 -19.02 -2.25 -51.54
C LEU B 428 -18.83 -3.13 -52.76
N THR B 429 -17.85 -2.76 -53.59
CA THR B 429 -17.29 -3.61 -54.62
C THR B 429 -16.66 -4.83 -53.93
N GLU B 430 -15.60 -4.54 -53.17
CA GLU B 430 -14.81 -5.51 -52.42
C GLU B 430 -15.69 -6.40 -51.56
N VAL B 431 -16.75 -5.83 -50.99
CA VAL B 431 -17.70 -6.60 -50.20
C VAL B 431 -18.46 -7.57 -51.07
N GLN B 432 -19.09 -7.09 -52.13
CA GLN B 432 -19.82 -8.02 -52.99
C GLN B 432 -18.88 -9.07 -53.57
N THR B 433 -17.70 -8.66 -54.02
CA THR B 433 -16.71 -9.62 -54.56
C THR B 433 -16.57 -10.82 -53.62
N ILE B 434 -16.40 -10.54 -52.33
CA ILE B 434 -16.07 -11.58 -51.33
C ILE B 434 -17.27 -12.40 -50.86
N VAL B 435 -18.38 -11.75 -50.60
CA VAL B 435 -19.61 -12.49 -50.31
C VAL B 435 -19.99 -13.31 -51.53
N GLU B 436 -19.64 -12.80 -52.71
CA GLU B 436 -19.91 -13.49 -53.96
C GLU B 436 -19.37 -14.89 -53.83
N GLN B 437 -18.05 -14.98 -53.66
CA GLN B 437 -17.37 -16.27 -53.69
C GLN B 437 -17.64 -17.14 -52.46
N VAL B 438 -18.02 -16.50 -51.34
CA VAL B 438 -18.29 -17.22 -50.10
C VAL B 438 -19.57 -18.00 -50.18
N LYS B 439 -20.48 -17.58 -51.06
CA LYS B 439 -21.85 -18.13 -51.12
C LYS B 439 -21.89 -19.52 -51.68
N GLU B 440 -20.93 -19.83 -52.55
CA GLU B 440 -20.82 -21.17 -53.12
C GLU B 440 -20.59 -22.21 -51.99
N LYS B 441 -19.76 -21.82 -51.04
CA LYS B 441 -19.29 -22.71 -49.98
C LYS B 441 -20.34 -22.91 -48.84
N THR B 442 -21.06 -21.84 -48.47
CA THR B 442 -22.15 -21.94 -47.47
C THR B 442 -23.30 -20.96 -47.74
N ASN B 443 -24.50 -21.36 -47.35
CA ASN B 443 -25.68 -20.48 -47.42
C ASN B 443 -26.01 -19.79 -46.08
N HIS B 444 -25.14 -19.97 -45.08
CA HIS B 444 -25.23 -19.31 -43.78
C HIS B 444 -24.41 -18.06 -43.78
N ILE B 445 -24.95 -17.07 -44.48
CA ILE B 445 -24.38 -15.77 -44.44
C ILE B 445 -25.45 -14.95 -43.80
N GLN B 446 -25.02 -13.89 -43.15
CA GLN B 446 -25.90 -12.89 -42.57
C GLN B 446 -25.01 -11.65 -42.68
N ALA B 447 -25.56 -10.47 -42.48
CA ALA B 447 -24.75 -9.28 -42.67
C ALA B 447 -25.21 -8.20 -41.73
N LEU B 448 -24.27 -7.32 -41.37
CA LEU B 448 -24.51 -6.28 -40.38
C LEU B 448 -24.03 -4.99 -40.95
N ALA B 449 -24.96 -4.11 -41.32
CA ALA B 449 -24.69 -2.99 -42.22
C ALA B 449 -25.22 -1.65 -41.70
N HIS B 450 -24.32 -0.68 -41.69
CA HIS B 450 -24.62 0.63 -41.16
C HIS B 450 -24.69 1.60 -42.30
N SER B 451 -25.61 2.56 -42.19
CA SER B 451 -25.89 3.53 -43.27
C SER B 451 -26.50 4.78 -42.64
N THR B 452 -26.12 5.96 -43.16
CA THR B 452 -26.87 7.20 -42.88
C THR B 452 -28.17 7.12 -43.68
N VAL B 453 -29.28 7.60 -43.12
CA VAL B 453 -30.60 7.48 -43.81
C VAL B 453 -30.58 8.30 -45.10
N GLY B 454 -31.12 7.71 -46.17
CA GLY B 454 -30.80 8.17 -47.51
C GLY B 454 -30.12 7.01 -48.20
N GLN B 455 -28.86 6.81 -47.84
CA GLN B 455 -28.01 5.76 -48.42
C GLN B 455 -28.76 4.44 -48.61
N THR B 456 -28.54 3.79 -49.76
CA THR B 456 -29.34 2.63 -50.16
C THR B 456 -28.54 1.42 -50.64
N LEU B 457 -29.12 0.25 -50.38
CA LEU B 457 -28.42 -1.03 -50.48
C LEU B 457 -28.39 -1.53 -51.92
N PRO B 458 -27.20 -1.48 -52.58
CA PRO B 458 -27.07 -2.08 -53.91
C PRO B 458 -27.77 -3.40 -54.01
N ILE B 459 -28.49 -3.60 -55.11
CA ILE B 459 -29.35 -4.78 -55.29
C ILE B 459 -28.52 -6.06 -55.55
N PRO B 460 -27.27 -5.91 -56.09
CA PRO B 460 -26.39 -7.10 -56.06
C PRO B 460 -26.03 -7.57 -54.64
N LEU B 461 -25.83 -6.65 -53.69
CA LEU B 461 -25.69 -7.04 -52.28
C LEU B 461 -27.02 -7.46 -51.69
N LYS B 462 -28.08 -6.73 -52.01
CA LYS B 462 -29.41 -7.06 -51.46
C LYS B 462 -29.94 -8.38 -52.01
N LYS B 463 -29.53 -8.73 -53.24
CA LYS B 463 -29.77 -10.07 -53.78
C LYS B 463 -29.27 -11.10 -52.77
N LEU B 464 -27.99 -10.96 -52.41
CA LEU B 464 -27.29 -11.89 -51.55
C LEU B 464 -27.77 -11.91 -50.08
N PHE B 465 -28.13 -10.75 -49.53
CA PHE B 465 -28.55 -10.68 -48.11
C PHE B 465 -30.05 -10.44 -47.99
N PRO B 466 -30.84 -11.53 -48.00
CA PRO B 466 -32.30 -11.34 -47.94
C PRO B 466 -32.75 -10.63 -46.65
N SER B 467 -32.48 -11.22 -45.49
CA SER B 467 -32.74 -10.57 -44.21
C SER B 467 -31.46 -9.99 -43.62
N ILE B 468 -30.96 -8.96 -44.28
CA ILE B 468 -29.85 -8.18 -43.76
C ILE B 468 -30.25 -7.46 -42.47
N ILE B 469 -29.28 -7.33 -41.57
CA ILE B 469 -29.45 -6.54 -40.37
C ILE B 469 -29.09 -5.12 -40.68
N SER B 470 -30.10 -4.36 -41.07
CA SER B 470 -29.90 -3.00 -41.47
C SER B 470 -29.90 -2.13 -40.22
N ILE B 471 -28.76 -1.52 -39.94
CA ILE B 471 -28.70 -0.50 -38.92
C ILE B 471 -28.57 0.77 -39.71
N THR B 472 -29.68 1.49 -39.76
CA THR B 472 -29.74 2.73 -40.49
C THR B 472 -29.84 3.85 -39.45
N TRP B 473 -28.98 4.85 -39.57
CA TRP B 473 -28.88 5.96 -38.65
C TRP B 473 -29.50 7.25 -39.21
N PRO B 474 -30.34 7.94 -38.41
CA PRO B 474 -30.68 9.33 -38.67
C PRO B 474 -29.50 10.26 -38.98
N LEU B 475 -29.79 11.41 -39.57
CA LEU B 475 -28.79 12.47 -39.77
C LEU B 475 -28.44 13.10 -38.44
N LEU B 476 -27.34 13.83 -38.41
CA LEU B 476 -26.90 14.52 -37.22
C LEU B 476 -25.79 15.49 -37.59
N PHE B 477 -25.93 16.77 -37.25
CA PHE B 477 -24.83 17.68 -37.52
C PHE B 477 -23.62 17.11 -36.78
N PHE B 478 -22.50 17.11 -37.49
CA PHE B 478 -21.23 16.78 -36.86
C PHE B 478 -20.24 17.90 -37.11
N GLU B 479 -19.28 18.03 -36.20
CA GLU B 479 -18.33 19.14 -36.29
C GLU B 479 -17.23 18.81 -37.27
N TYR B 480 -16.53 17.73 -36.97
CA TYR B 480 -15.29 17.39 -37.63
C TYR B 480 -15.47 16.48 -38.83
N GLU B 481 -14.50 16.53 -39.76
CA GLU B 481 -14.62 15.86 -41.08
C GLU B 481 -14.74 14.35 -40.99
N GLY B 482 -14.04 13.76 -40.02
CA GLY B 482 -14.03 12.32 -39.87
C GLY B 482 -15.27 11.79 -39.19
N ASN B 483 -16.16 12.69 -38.76
CA ASN B 483 -17.49 12.34 -38.23
C ASN B 483 -17.39 11.30 -37.09
N PHE B 484 -16.52 11.60 -36.16
CA PHE B 484 -16.16 10.68 -35.10
C PHE B 484 -17.38 10.22 -34.27
N ILE B 485 -18.32 11.12 -34.07
CA ILE B 485 -19.57 10.77 -33.41
C ILE B 485 -20.30 9.62 -34.10
N GLN B 486 -20.27 9.56 -35.42
CA GLN B 486 -20.85 8.44 -36.18
C GLN B 486 -20.01 7.16 -36.07
N LYS B 487 -18.70 7.34 -36.10
CA LYS B 487 -17.79 6.23 -35.90
C LYS B 487 -18.11 5.65 -34.52
N PHE B 488 -18.09 6.51 -33.51
CA PHE B 488 -18.33 6.05 -32.16
C PHE B 488 -19.62 5.23 -32.01
N GLN B 489 -20.68 5.60 -32.73
CA GLN B 489 -21.96 4.87 -32.68
C GLN B 489 -21.91 3.54 -33.36
N ARG B 490 -21.14 3.47 -34.43
CA ARG B 490 -21.06 2.23 -35.19
C ARG B 490 -20.17 1.26 -34.45
N GLU B 491 -19.02 1.77 -33.99
CA GLU B 491 -18.09 1.00 -33.19
C GLU B 491 -18.91 0.31 -32.11
N LEU B 492 -19.69 1.11 -31.38
CA LEU B 492 -20.39 0.63 -30.20
C LEU B 492 -21.51 -0.32 -30.57
N SER B 493 -22.17 -0.01 -31.67
CA SER B 493 -23.31 -0.78 -32.11
C SER B 493 -22.86 -2.17 -32.54
N THR B 494 -21.73 -2.19 -33.22
CA THR B 494 -21.14 -3.46 -33.61
C THR B 494 -20.79 -4.29 -32.35
N LYS B 495 -20.21 -3.63 -31.35
CA LYS B 495 -19.82 -4.32 -30.12
C LYS B 495 -20.97 -5.01 -29.44
N TRP B 496 -22.09 -4.30 -29.34
CA TRP B 496 -23.28 -4.89 -28.73
C TRP B 496 -23.74 -6.14 -29.48
N VAL B 497 -23.79 -6.01 -30.79
CA VAL B 497 -24.31 -7.07 -31.62
C VAL B 497 -23.45 -8.30 -31.43
N LEU B 498 -22.16 -8.16 -31.72
CA LEU B 498 -21.26 -9.29 -31.63
C LEU B 498 -21.19 -9.82 -30.21
N ASN B 499 -20.96 -8.95 -29.21
CA ASN B 499 -20.90 -9.40 -27.79
C ASN B 499 -22.10 -10.31 -27.46
N THR B 500 -23.31 -9.85 -27.81
CA THR B 500 -24.56 -10.61 -27.58
C THR B 500 -24.52 -11.92 -28.37
N VAL B 501 -24.14 -11.79 -29.64
CA VAL B 501 -24.10 -12.93 -30.54
C VAL B 501 -23.16 -14.04 -30.06
N SER B 502 -21.90 -13.71 -29.76
CA SER B 502 -20.91 -14.70 -29.29
C SER B 502 -21.28 -15.20 -27.91
N THR B 503 -21.63 -14.27 -27.01
CA THR B 503 -21.97 -14.66 -25.65
C THR B 503 -23.21 -15.52 -25.62
N GLY B 504 -24.26 -15.06 -26.29
CA GLY B 504 -25.50 -15.87 -26.37
C GLY B 504 -25.27 -17.20 -27.09
N ALA B 505 -24.44 -17.17 -28.13
CA ALA B 505 -24.13 -18.40 -28.84
C ALA B 505 -23.62 -19.46 -27.90
N HIS B 506 -22.66 -19.13 -27.06
CA HIS B 506 -22.09 -20.14 -26.15
C HIS B 506 -23.07 -20.57 -25.06
N VAL B 507 -23.96 -19.67 -24.65
CA VAL B 507 -25.01 -19.99 -23.68
C VAL B 507 -26.01 -20.98 -24.28
N LEU B 508 -26.34 -20.82 -25.55
CA LEU B 508 -27.32 -21.75 -26.14
C LEU B 508 -26.75 -23.16 -26.18
N LEU B 509 -25.43 -23.26 -26.28
CA LEU B 509 -24.74 -24.53 -26.22
C LEU B 509 -24.69 -25.19 -24.85
N GLY B 510 -25.17 -24.52 -23.80
CA GLY B 510 -25.08 -25.08 -22.43
C GLY B 510 -23.79 -24.76 -21.62
N LYS B 511 -22.91 -23.88 -22.12
CA LYS B 511 -21.64 -23.62 -21.44
C LYS B 511 -21.76 -22.78 -20.19
N ILE B 512 -22.87 -22.09 -20.00
CA ILE B 512 -22.98 -21.17 -18.90
C ILE B 512 -23.85 -21.87 -17.86
N LEU B 513 -23.41 -21.81 -16.60
CA LEU B 513 -24.14 -22.35 -15.49
C LEU B 513 -24.88 -21.20 -14.75
N GLN B 514 -26.21 -21.20 -14.83
CA GLN B 514 -27.05 -20.05 -14.46
C GLN B 514 -26.67 -18.78 -15.24
N ASN B 515 -25.91 -17.87 -14.61
CA ASN B 515 -25.27 -16.74 -15.30
C ASN B 515 -23.79 -16.63 -14.92
N HIS B 516 -23.17 -17.80 -14.77
CA HIS B 516 -21.76 -17.93 -14.43
C HIS B 516 -21.07 -18.85 -15.44
N MET B 517 -19.86 -18.49 -15.81
CA MET B 517 -19.02 -19.39 -16.58
C MET B 517 -18.14 -20.12 -15.57
N LEU B 518 -18.51 -21.36 -15.25
CA LEU B 518 -17.79 -22.11 -14.22
C LEU B 518 -16.50 -22.69 -14.75
N ASP B 519 -16.55 -23.30 -15.93
CA ASP B 519 -15.35 -23.89 -16.46
C ASP B 519 -14.38 -22.93 -17.14
N LEU B 520 -13.81 -22.00 -16.37
CA LEU B 520 -12.83 -21.08 -16.91
C LEU B 520 -11.39 -21.45 -16.60
N ARG B 521 -10.50 -20.95 -17.43
CA ARG B 521 -9.10 -21.16 -17.28
C ARG B 521 -8.62 -20.13 -16.27
N ILE B 522 -7.89 -20.62 -15.29
CA ILE B 522 -7.40 -19.74 -14.23
C ILE B 522 -6.09 -19.18 -14.72
N SER B 523 -6.13 -17.98 -15.32
CA SER B 523 -4.92 -17.39 -15.92
C SER B 523 -4.37 -16.10 -15.26
N ASN B 524 -5.03 -15.62 -14.21
CA ASN B 524 -4.52 -14.49 -13.39
C ASN B 524 -5.17 -14.48 -12.00
N SER B 525 -4.80 -13.54 -11.17
CA SER B 525 -5.35 -13.57 -9.79
C SER B 525 -6.88 -13.34 -9.69
N LYS B 526 -7.38 -12.45 -10.53
CA LYS B 526 -8.79 -12.14 -10.48
C LYS B 526 -9.58 -13.42 -10.77
N LEU B 527 -9.11 -14.21 -11.72
CA LEU B 527 -9.85 -15.40 -12.14
C LEU B 527 -9.76 -16.48 -11.08
N PHE B 528 -8.64 -16.49 -10.39
CA PHE B 528 -8.47 -17.39 -9.30
C PHE B 528 -9.52 -17.08 -8.27
N TRP B 529 -9.57 -15.83 -7.84
CA TRP B 529 -10.56 -15.45 -6.82
C TRP B 529 -12.01 -15.69 -7.27
N ARG B 530 -12.28 -15.53 -8.58
CA ARG B 530 -13.60 -15.79 -9.12
C ARG B 530 -13.97 -17.27 -9.01
N ALA B 531 -13.07 -18.13 -9.41
CA ALA B 531 -13.27 -19.57 -9.28
C ALA B 531 -13.63 -19.87 -7.86
N LEU B 532 -12.80 -19.37 -6.95
CA LEU B 532 -12.97 -19.67 -5.55
C LEU B 532 -14.33 -19.24 -5.05
N ALA B 533 -14.72 -18.04 -5.38
CA ALA B 533 -16.04 -17.56 -4.98
C ALA B 533 -17.17 -18.36 -5.62
N MET B 534 -16.93 -18.84 -6.85
CA MET B 534 -17.92 -19.67 -7.49
C MET B 534 -18.02 -20.99 -6.77
N LEU B 535 -16.91 -21.56 -6.34
CA LEU B 535 -16.98 -22.81 -5.57
C LEU B 535 -17.77 -22.59 -4.29
N GLN B 536 -17.42 -21.56 -3.55
CA GLN B 536 -18.24 -21.15 -2.41
C GLN B 536 -19.70 -21.05 -2.78
N ARG B 537 -20.07 -20.15 -3.67
CA ARG B 537 -21.50 -20.01 -4.06
C ARG B 537 -22.21 -21.30 -4.43
N PHE B 538 -21.64 -22.07 -5.34
CA PHE B 538 -22.33 -23.26 -5.84
C PHE B 538 -22.23 -24.44 -4.87
N SER B 539 -21.08 -24.68 -4.27
CA SER B 539 -20.94 -25.79 -3.32
C SER B 539 -21.64 -25.44 -2.02
N GLY B 540 -21.37 -24.22 -1.54
CA GLY B 540 -22.12 -23.62 -0.43
C GLY B 540 -21.45 -23.94 0.87
N GLN B 541 -20.24 -24.47 0.74
CA GLN B 541 -19.44 -24.97 1.83
C GLN B 541 -18.41 -23.94 2.26
N SER B 542 -17.69 -24.24 3.33
CA SER B 542 -16.77 -23.28 3.94
C SER B 542 -15.67 -22.91 2.95
N LYS B 543 -15.02 -21.79 3.20
CA LYS B 543 -13.98 -21.36 2.30
C LYS B 543 -12.75 -22.24 2.47
N ALA B 544 -12.50 -22.70 3.68
CA ALA B 544 -11.33 -23.55 3.88
C ALA B 544 -11.49 -24.84 3.06
N ARG B 545 -12.71 -25.40 3.03
CA ARG B 545 -12.97 -26.59 2.21
C ARG B 545 -12.82 -26.36 0.69
N CYS B 546 -13.38 -25.25 0.22
CA CYS B 546 -13.24 -24.85 -1.19
C CYS B 546 -11.79 -24.54 -1.55
N ILE B 547 -11.05 -23.86 -0.69
CA ILE B 547 -9.65 -23.56 -1.03
C ILE B 547 -8.86 -24.82 -1.18
N GLU B 548 -9.20 -25.80 -0.34
CA GLU B 548 -8.46 -27.04 -0.31
C GLU B 548 -8.78 -27.82 -1.56
N SER B 549 -10.05 -27.83 -1.93
CA SER B 549 -10.41 -28.56 -3.12
C SER B 549 -9.77 -27.91 -4.31
N LEU B 550 -9.90 -26.60 -4.39
CA LEU B 550 -9.39 -25.85 -5.51
C LEU B 550 -7.91 -26.07 -5.69
N LEU B 551 -7.16 -26.07 -4.60
CA LEU B 551 -5.70 -26.18 -4.72
C LEU B 551 -5.26 -27.60 -4.97
N ARG B 552 -6.01 -28.59 -4.49
CA ARG B 552 -5.68 -30.00 -4.82
C ARG B 552 -5.89 -30.20 -6.31
N ALA B 553 -7.06 -29.76 -6.78
CA ALA B 553 -7.44 -29.82 -8.18
C ALA B 553 -6.33 -29.20 -9.06
N ILE B 554 -5.84 -28.03 -8.65
CA ILE B 554 -4.81 -27.35 -9.38
C ILE B 554 -3.52 -28.15 -9.40
N HIS B 555 -3.10 -28.57 -8.21
CA HIS B 555 -1.79 -29.20 -8.07
C HIS B 555 -1.74 -30.70 -8.19
N PHE B 556 -2.89 -31.35 -8.36
CA PHE B 556 -2.92 -32.81 -8.55
C PHE B 556 -1.97 -33.24 -9.69
N PRO B 557 -1.18 -34.31 -9.50
CA PRO B 557 -1.07 -35.29 -8.41
C PRO B 557 -0.29 -34.83 -7.18
N GLN B 558 0.24 -33.63 -7.16
CA GLN B 558 0.94 -33.16 -5.99
C GLN B 558 -0.03 -33.03 -4.82
N PRO B 559 0.34 -33.64 -3.67
CA PRO B 559 -0.47 -33.44 -2.48
C PRO B 559 -0.24 -32.05 -1.95
N LEU B 560 -1.18 -31.64 -1.11
CA LEU B 560 -1.28 -30.31 -0.59
C LEU B 560 -0.37 -30.09 0.57
N SER B 561 0.92 -29.96 0.30
CA SER B 561 1.92 -29.58 1.31
C SER B 561 1.71 -28.21 1.91
N ASP B 562 2.45 -27.92 2.97
CA ASP B 562 2.38 -26.65 3.68
C ASP B 562 2.87 -25.52 2.76
N ASP B 563 3.89 -25.79 1.95
CA ASP B 563 4.44 -24.78 1.05
C ASP B 563 3.39 -24.26 0.09
N ILE B 564 2.63 -25.21 -0.45
CA ILE B 564 1.62 -24.93 -1.44
C ILE B 564 0.51 -24.11 -0.81
N ARG B 565 0.02 -24.51 0.35
CA ARG B 565 -1.02 -23.72 1.02
C ARG B 565 -0.55 -22.28 1.29
N ALA B 566 0.75 -22.09 1.51
CA ALA B 566 1.29 -20.79 1.88
C ALA B 566 1.88 -19.99 0.71
N ALA B 567 1.81 -20.58 -0.49
CA ALA B 567 2.46 -20.00 -1.66
C ALA B 567 1.65 -18.82 -2.21
N PRO B 568 2.34 -17.90 -2.89
CA PRO B 568 1.69 -16.75 -3.52
C PRO B 568 0.75 -17.20 -4.61
N ILE B 569 -0.36 -16.50 -4.76
CA ILE B 569 -1.38 -16.82 -5.76
C ILE B 569 -0.82 -17.06 -7.16
N SER B 570 0.14 -16.27 -7.57
CA SER B 570 0.77 -16.45 -8.86
C SER B 570 1.15 -17.89 -9.10
N CYS B 571 1.52 -18.62 -8.03
CA CYS B 571 2.02 -19.99 -8.19
C CYS B 571 0.85 -20.93 -8.55
N HIS B 572 -0.23 -20.79 -7.82
CA HIS B 572 -1.45 -21.49 -8.21
C HIS B 572 -1.82 -21.16 -9.63
N VAL B 573 -1.71 -19.88 -9.98
CA VAL B 573 -2.12 -19.44 -11.30
C VAL B 573 -1.28 -20.11 -12.39
N GLN B 574 0.02 -19.90 -12.31
CA GLN B 574 0.91 -20.54 -13.25
C GLN B 574 0.59 -22.02 -13.44
N VAL B 575 0.31 -22.74 -12.35
CA VAL B 575 0.02 -24.18 -12.49
C VAL B 575 -1.34 -24.41 -13.15
N ALA B 576 -2.37 -23.79 -12.60
CA ALA B 576 -3.74 -23.91 -13.12
C ALA B 576 -3.90 -23.52 -14.58
N HIS B 577 -3.09 -22.57 -15.02
CA HIS B 577 -3.27 -22.03 -16.35
C HIS B 577 -3.06 -23.10 -17.42
N GLU B 578 -2.35 -24.18 -17.07
CA GLU B 578 -2.00 -25.22 -18.02
C GLU B 578 -3.02 -26.34 -18.14
N LYS B 579 -3.91 -26.49 -17.16
CA LYS B 579 -4.74 -27.67 -17.00
C LYS B 579 -6.18 -27.46 -17.44
N GLU B 580 -6.95 -28.54 -17.52
CA GLU B 580 -8.32 -28.52 -17.99
C GLU B 580 -9.33 -28.84 -16.88
N GLN B 581 -10.54 -28.32 -17.02
CA GLN B 581 -11.63 -28.66 -16.11
C GLN B 581 -11.29 -28.48 -14.62
N VAL B 582 -10.31 -27.63 -14.32
CA VAL B 582 -9.89 -27.46 -12.96
C VAL B 582 -11.06 -27.15 -12.03
N ILE B 583 -11.85 -26.16 -12.37
CA ILE B 583 -12.83 -25.67 -11.44
C ILE B 583 -13.93 -26.71 -11.32
N PRO B 584 -14.23 -27.39 -12.42
CA PRO B 584 -15.26 -28.46 -12.24
C PRO B 584 -14.79 -29.72 -11.47
N ILE B 585 -13.53 -30.11 -11.64
CA ILE B 585 -12.99 -31.14 -10.80
C ILE B 585 -13.06 -30.69 -9.32
N ALA B 586 -12.62 -29.46 -9.02
CA ALA B 586 -12.69 -28.95 -7.65
C ALA B 586 -14.09 -28.95 -7.10
N LEU B 587 -15.08 -28.60 -7.91
CA LEU B 587 -16.47 -28.57 -7.41
C LEU B 587 -17.06 -29.96 -7.12
N LEU B 588 -16.78 -30.91 -8.01
CA LEU B 588 -17.32 -32.25 -7.86
C LEU B 588 -16.76 -32.86 -6.56
N SER B 589 -15.44 -32.83 -6.39
CA SER B 589 -14.82 -33.27 -5.13
C SER B 589 -15.52 -32.73 -3.89
N LEU B 590 -16.07 -31.53 -4.00
CA LEU B 590 -16.77 -30.91 -2.93
C LEU B 590 -18.14 -31.48 -2.77
N LEU B 591 -18.87 -31.56 -3.87
CA LEU B 591 -20.22 -32.09 -3.81
C LEU B 591 -20.22 -33.55 -3.37
N PHE B 592 -19.22 -34.34 -3.77
CA PHE B 592 -19.16 -35.77 -3.41
C PHE B 592 -18.32 -36.03 -2.16
N ARG B 593 -17.83 -34.99 -1.50
CA ARG B 593 -16.97 -35.20 -0.35
C ARG B 593 -15.83 -36.13 -0.69
N CYS B 594 -15.50 -36.21 -1.98
CA CYS B 594 -14.56 -37.19 -2.45
C CYS B 594 -13.24 -36.53 -2.76
N SER B 595 -12.29 -37.34 -3.23
CA SER B 595 -10.97 -36.87 -3.68
C SER B 595 -10.90 -36.55 -5.16
N ILE B 596 -9.80 -35.89 -5.54
CA ILE B 596 -9.48 -35.53 -6.91
C ILE B 596 -9.44 -36.75 -7.80
N THR B 597 -8.76 -37.79 -7.33
CA THR B 597 -8.73 -39.03 -8.09
C THR B 597 -10.13 -39.52 -8.30
N GLU B 598 -10.96 -39.42 -7.29
CA GLU B 598 -12.36 -39.88 -7.46
C GLU B 598 -13.18 -38.96 -8.38
N ALA B 599 -12.89 -37.66 -8.37
CA ALA B 599 -13.64 -36.68 -9.18
C ALA B 599 -13.20 -36.76 -10.65
N GLN B 600 -11.92 -36.86 -10.89
CA GLN B 600 -11.46 -37.10 -12.24
C GLN B 600 -12.18 -38.30 -12.82
N ALA B 601 -11.96 -39.46 -12.22
CA ALA B 601 -12.64 -40.68 -12.69
C ALA B 601 -14.06 -40.37 -13.15
N HIS B 602 -14.79 -39.67 -12.29
CA HIS B 602 -16.22 -39.53 -12.45
C HIS B 602 -16.55 -38.71 -13.67
N LEU B 603 -15.75 -37.66 -13.84
CA LEU B 603 -15.89 -36.74 -14.93
C LEU B 603 -15.60 -37.40 -16.26
N ALA B 604 -14.48 -38.14 -16.35
CA ALA B 604 -14.14 -38.89 -17.59
C ALA B 604 -15.25 -39.84 -18.01
N ALA B 605 -16.00 -40.36 -17.05
CA ALA B 605 -17.04 -41.34 -17.31
C ALA B 605 -18.41 -40.69 -17.40
N ALA B 606 -18.43 -39.36 -17.46
CA ALA B 606 -19.69 -38.65 -17.67
C ALA B 606 -19.74 -38.17 -19.14
N PRO B 607 -20.96 -37.91 -19.67
CA PRO B 607 -21.11 -37.52 -21.08
C PRO B 607 -20.48 -36.16 -21.41
N SER B 608 -20.85 -35.13 -20.66
CA SER B 608 -20.22 -33.83 -20.81
C SER B 608 -19.92 -33.26 -19.43
N VAL B 609 -19.05 -32.27 -19.45
CA VAL B 609 -18.67 -31.56 -18.26
C VAL B 609 -19.93 -30.91 -17.72
N CYS B 610 -20.65 -30.22 -18.58
CA CYS B 610 -21.88 -29.56 -18.19
C CYS B 610 -22.87 -30.51 -17.49
N GLU B 611 -23.01 -31.71 -18.02
CA GLU B 611 -24.03 -32.63 -17.56
C GLU B 611 -23.60 -33.17 -16.23
N ALA B 612 -22.31 -33.53 -16.15
CA ALA B 612 -21.77 -34.02 -14.91
C ALA B 612 -22.05 -32.99 -13.86
N VAL B 613 -21.61 -31.75 -14.10
CA VAL B 613 -21.73 -30.68 -13.09
C VAL B 613 -23.18 -30.46 -12.71
N ARG B 614 -24.05 -30.39 -13.73
CA ARG B 614 -25.49 -30.13 -13.49
C ARG B 614 -26.15 -31.28 -12.69
N SER B 615 -25.73 -32.50 -12.99
CA SER B 615 -26.26 -33.66 -12.30
C SER B 615 -25.84 -33.65 -10.84
N ALA B 616 -24.55 -33.43 -10.59
CA ALA B 616 -24.04 -33.36 -9.21
C ALA B 616 -24.78 -32.30 -8.39
N LEU B 617 -25.01 -31.13 -8.96
CA LEU B 617 -25.77 -30.08 -8.26
C LEU B 617 -27.24 -30.42 -7.92
N ALA B 618 -27.81 -31.44 -8.58
CA ALA B 618 -29.19 -31.87 -8.29
C ALA B 618 -29.31 -32.63 -6.95
CL1 2Y6 C . 0.89 4.78 17.51
C23 2Y6 C . 1.43 3.20 17.07
C22 2Y6 C . 2.77 2.89 17.24
C21 2Y6 C . 3.29 1.65 16.91
C20 2Y6 C . 2.44 0.68 16.42
C19 2Y6 C . 1.09 0.97 16.27
C18 2Y6 C . 0.58 2.22 16.60
C17 2Y6 C . -0.91 2.47 16.40
N2 2Y6 C . -1.34 1.83 15.15
S2 2Y6 C . -2.11 2.88 14.21
O2 2Y6 C . -2.05 2.29 12.86
O3 2Y6 C . -1.50 4.25 14.26
C24 2Y6 C . -3.86 2.96 14.66
C25 2Y6 C . -4.08 3.37 16.10
C26 2Y6 C . -4.35 4.36 14.96
C8 2Y6 C . -1.62 1.91 17.60
C7 2Y6 C . -2.48 0.89 17.58
S1 2Y6 C . -1.42 2.50 19.22
C5 2Y6 C . -2.51 1.40 19.87
C6 2Y6 C . -2.98 0.56 18.81
C3 2Y6 C . -3.90 -0.46 19.10
C2 2Y6 C . -4.32 -0.63 20.40
C1 2Y6 C . -3.84 0.21 21.43
C4 2Y6 C . -2.95 1.24 21.16
C9 2Y6 C . -2.42 2.07 22.19
C13 2Y6 C . -2.73 1.86 23.56
N1 2Y6 C . -1.54 3.03 21.88
C10 2Y6 C . -1.01 3.78 22.82
C11 2Y6 C . -1.29 3.64 24.19
C12 2Y6 C . -2.17 2.66 24.58
C14 2Y6 C . -2.50 2.48 26.04
C15 2Y6 C . -2.40 3.85 26.69
C16 2Y6 C . -1.61 1.50 26.74
O1 2Y6 C . -3.76 1.96 26.17
C1 S6P D . 10.87 8.28 21.87
C2 S6P D . 11.44 9.40 21.00
C3 S6P D . 10.89 9.50 19.59
C4 S6P D . 11.33 8.37 18.68
C5 S6P D . 10.95 8.60 17.24
C6 S6P D . 11.16 7.33 16.40
O1 S6P D . 10.93 8.79 23.27
O2 S6P D . 11.06 10.62 21.64
O3 S6P D . 11.49 10.66 19.08
O4 S6P D . 12.71 8.27 18.72
O5 S6P D . 9.57 8.99 17.09
O6 S6P D . 10.36 6.30 16.88
P S6P D . 10.41 4.93 16.06
O1P S6P D . 9.42 3.99 16.71
O2P S6P D . 10.08 5.08 14.53
O3P S6P D . 11.94 4.47 16.09
I IOD E . 37.12 -4.45 18.74
I IOD F . -0.85 15.39 33.93
I IOD G . 7.01 -8.74 25.65
I IOD H . 13.20 10.80 46.33
I IOD I . 33.32 -9.47 23.06
I IOD J . 9.20 19.54 13.97
I IOD K . -13.58 10.38 6.83
I IOD L . -1.10 -2.59 27.92
I IOD M . -15.03 5.92 13.75
I IOD N . 10.13 4.03 -5.44
I IOD O . -19.07 6.34 27.29
I IOD P . 14.26 -20.13 21.42
I IOD Q . 4.20 20.04 13.41
CL1 2Y6 R . -11.93 -10.58 -8.00
C23 2Y6 R . -12.38 -8.93 -7.59
C22 2Y6 R . -12.70 -8.02 -8.58
C21 2Y6 R . -13.05 -6.71 -8.28
C20 2Y6 R . -13.11 -6.27 -6.97
C19 2Y6 R . -12.83 -7.16 -5.94
C18 2Y6 R . -12.47 -8.47 -6.27
C17 2Y6 R . -12.17 -9.41 -5.15
N2 2Y6 R . -11.45 -8.71 -4.09
S2 2Y6 R . -10.04 -9.41 -3.63
O2 2Y6 R . -9.42 -8.28 -2.87
O3 2Y6 R . -9.29 -9.87 -4.80
C24 2Y6 R . -10.30 -10.72 -2.45
C25 2Y6 R . -11.46 -11.61 -2.86
C26 2Y6 R . -9.99 -12.08 -3.02
C8 2Y6 R . -13.51 -9.97 -4.70
C7 2Y6 R . -14.08 -9.76 -3.49
S1 2Y6 R . -14.51 -10.95 -5.70
C5 2Y6 R . -15.70 -11.14 -4.44
C6 2Y6 R . -15.27 -10.38 -3.31
C3 2Y6 R . -16.06 -10.37 -2.16
C2 2Y6 R . -17.26 -11.06 -2.08
C1 2Y6 R . -17.67 -11.79 -3.20
C4 2Y6 R . -16.87 -11.86 -4.36
C9 2Y6 R . -17.28 -12.58 -5.48
C13 2Y6 R . -18.48 -13.32 -5.49
N1 2Y6 R . -16.50 -12.57 -6.58
C10 2Y6 R . -16.91 -13.21 -7.65
C11 2Y6 R . -18.09 -13.95 -7.74
C12 2Y6 R . -18.89 -14.03 -6.64
C14 2Y6 R . -20.18 -14.82 -6.70
C15 2Y6 R . -19.96 -16.19 -7.32
C16 2Y6 R . -21.20 -14.07 -7.58
O1 2Y6 R . -20.65 -14.95 -5.37
C1 S6P S . -13.28 -9.71 -19.16
C2 S6P S . -12.05 -9.77 -20.05
C3 S6P S . -10.77 -9.37 -19.30
C4 S6P S . -10.82 -8.01 -18.65
C5 S6P S . -9.46 -7.75 -17.99
C6 S6P S . -9.29 -6.35 -17.32
O1 S6P S . -14.38 -10.44 -19.76
O2 S6P S . -11.89 -11.08 -20.56
O3 S6P S . -9.72 -9.26 -20.23
O4 S6P S . -11.06 -7.06 -19.70
O5 S6P S . -9.35 -8.77 -17.01
O6 S6P S . -10.35 -6.15 -16.42
P S6P S . -10.47 -4.82 -15.67
O1P S6P S . -11.52 -4.89 -14.63
O2P S6P S . -10.77 -3.74 -16.88
O3P S6P S . -9.07 -4.42 -14.99
I IOD T . -17.68 14.82 -34.76
I IOD U . -19.92 -26.38 -16.27
I IOD V . -25.97 -1.33 -9.48
I IOD W . -23.97 14.68 -30.39
I IOD X . -32.93 -21.30 -29.37
I IOD Y . -0.86 -14.86 -20.75
I IOD Z . -19.25 -27.04 5.04
I IOD AA . 0.37 -17.72 4.87
I IOD BA . -24.67 -11.38 -6.32
I IOD CA . -8.18 -18.94 5.66
I IOD DA . -28.63 -1.58 -45.44
I IOD EA . 6.70 5.00 -8.34
I IOD FA . -19.83 -22.18 5.98
I IOD GA . -11.77 18.55 -39.39
I IOD HA . -28.17 -25.15 -11.62
I IOD IA . -26.10 -14.11 9.56
C1 GOL JA . -11.74 -24.83 -20.45
O1 GOL JA . -12.25 -23.55 -20.87
C2 GOL JA . -11.06 -24.67 -19.09
O2 GOL JA . -11.30 -25.81 -18.23
C3 GOL JA . -9.55 -24.51 -19.28
O3 GOL JA . -8.86 -24.84 -18.07
C1 GOL KA . 8.11 9.08 -13.56
O1 GOL KA . 8.54 9.69 -12.33
C2 GOL KA . 9.10 9.32 -14.71
O2 GOL KA . 9.95 8.16 -14.62
C3 GOL KA . 8.49 9.47 -16.12
O3 GOL KA . 9.19 8.76 -17.19
S SO4 LA . -32.61 -24.00 -24.23
O1 SO4 LA . -33.39 -22.76 -23.99
O2 SO4 LA . -31.28 -23.92 -23.54
O3 SO4 LA . -32.47 -24.14 -25.70
O4 SO4 LA . -33.37 -25.19 -23.73
S SO4 MA . -8.50 0.66 -39.56
O1 SO4 MA . -7.87 1.21 -38.31
O2 SO4 MA . -7.67 -0.48 -40.01
O3 SO4 MA . -9.89 0.22 -39.34
O4 SO4 MA . -8.57 1.73 -40.59
S SO4 NA . -3.28 16.75 -2.87
O1 SO4 NA . -3.05 17.72 -1.77
O2 SO4 NA . -3.18 15.39 -2.28
O3 SO4 NA . -2.27 16.90 -3.97
O4 SO4 NA . -4.64 17.03 -3.38
#